data_5KJ4
#
_entry.id   5KJ4
#
_cell.length_a   143.541
_cell.length_b   143.541
_cell.length_c   95.599
_cell.angle_alpha   90.00
_cell.angle_beta   90.00
_cell.angle_gamma   120.00
#
_symmetry.space_group_name_H-M   'P 31'
#
loop_
_entity.id
_entity.type
_entity.pdbx_description
1 polymer Protocadherin-15
2 non-polymer 'CALCIUM ION'
3 water water
#
_entity_poly.entity_id   1
_entity_poly.type   'polypeptide(L)'
_entity_poly.pdbx_seq_one_letter_code
;MNDYPPVFSKRIYKGMVAPDAVKGTPITTVYAEDADPPGMPASRVRYRVDDVQFPYPASIFDVEEDSGRVVTRVNLNEEP
TTIFKLVVVAFDDGEPVMSSSATVRILVLHPGEIPRFTQEEYRPPPVSELAARGTVVGVISAAAINQSIVYSIVAGNEED
KFGINNVTGVIYVNSPLDYETRTSYVLRVQADSLEVVLANLRVPSKSNTAKVYIEIQDENDHPPVFLEHHHHHH
;
_entity_poly.pdbx_strand_id   A,B,C,D
#
# COMPACT_ATOMS: atom_id res chain seq x y z
N MET A 1 -14.36 -44.01 44.89
CA MET A 1 -15.40 -43.15 44.25
C MET A 1 -14.75 -42.15 43.31
N ASN A 2 -15.52 -41.65 42.33
CA ASN A 2 -15.10 -40.48 41.54
C ASN A 2 -16.08 -39.35 41.79
N ASP A 3 -15.70 -38.41 42.67
CA ASP A 3 -16.62 -37.32 43.10
C ASP A 3 -16.06 -35.87 42.95
N TYR A 4 -14.96 -35.70 42.21
CA TYR A 4 -14.41 -34.35 41.90
C TYR A 4 -14.20 -34.20 40.39
N PRO A 5 -14.68 -33.10 39.79
CA PRO A 5 -14.44 -32.90 38.36
C PRO A 5 -13.08 -32.25 38.10
N PRO A 6 -12.64 -32.22 36.82
CA PRO A 6 -11.49 -31.39 36.46
C PRO A 6 -11.80 -29.91 36.68
N VAL A 7 -10.81 -29.15 37.14
CA VAL A 7 -10.98 -27.73 37.43
C VAL A 7 -9.91 -26.93 36.70
N PHE A 8 -10.33 -26.20 35.66
CA PHE A 8 -9.38 -25.43 34.83
C PHE A 8 -8.60 -24.43 35.65
N SER A 9 -7.32 -24.26 35.31
CA SER A 9 -6.47 -23.29 35.96
C SER A 9 -7.05 -21.87 35.80
N LYS A 10 -7.61 -21.59 34.62
CA LYS A 10 -8.25 -20.30 34.34
C LYS A 10 -9.69 -20.48 33.82
N ARG A 11 -10.54 -19.49 34.10
CA ARG A 11 -11.93 -19.51 33.62
C ARG A 11 -11.97 -19.06 32.16
N ILE A 12 -11.11 -18.09 31.82
CA ILE A 12 -10.97 -17.60 30.43
C ILE A 12 -9.48 -17.45 30.02
N TYR A 13 -9.07 -18.21 29.00
CA TYR A 13 -7.72 -18.12 28.45
C TYR A 13 -7.72 -17.16 27.28
N LYS A 14 -6.57 -16.54 27.00
CA LYS A 14 -6.36 -15.76 25.78
C LYS A 14 -5.35 -16.47 24.88
N GLY A 15 -5.25 -16.02 23.62
CA GLY A 15 -4.34 -16.63 22.65
C GLY A 15 -4.42 -15.93 21.30
N MET A 16 -3.32 -15.95 20.56
CA MET A 16 -3.27 -15.31 19.23
C MET A 16 -3.04 -16.31 18.12
N VAL A 17 -3.45 -15.93 16.91
CA VAL A 17 -3.25 -16.77 15.73
C VAL A 17 -3.22 -15.91 14.48
N ALA A 18 -2.28 -16.19 13.56
CA ALA A 18 -2.23 -15.49 12.27
C ALA A 18 -3.53 -15.74 11.52
N PRO A 19 -3.98 -14.76 10.70
CA PRO A 19 -5.23 -14.92 9.95
C PRO A 19 -5.14 -15.93 8.77
N ASP A 20 -3.92 -16.30 8.35
CA ASP A 20 -3.71 -17.28 7.28
C ASP A 20 -3.00 -18.56 7.79
N ALA A 21 -3.01 -18.74 9.12
CA ALA A 21 -2.27 -19.82 9.76
C ALA A 21 -2.52 -21.19 9.16
N VAL A 22 -1.43 -21.94 9.02
CA VAL A 22 -1.49 -23.31 8.52
C VAL A 22 -2.21 -24.23 9.51
N LYS A 23 -2.45 -25.46 9.10
CA LYS A 23 -3.09 -26.45 9.97
C LYS A 23 -2.12 -26.89 11.04
N GLY A 24 -2.59 -26.96 12.26
CA GLY A 24 -1.78 -27.38 13.39
C GLY A 24 -0.83 -26.32 13.88
N THR A 25 -1.17 -25.04 13.70
CA THR A 25 -0.39 -23.94 14.27
C THR A 25 -0.78 -23.82 15.75
N PRO A 26 0.24 -23.82 16.67
CA PRO A 26 -0.05 -23.76 18.11
C PRO A 26 -0.52 -22.36 18.54
N ILE A 27 -1.60 -22.31 19.31
CA ILE A 27 -2.18 -21.04 19.75
C ILE A 27 -1.91 -20.81 21.23
N THR A 28 -2.35 -21.76 22.05
CA THR A 28 -2.09 -21.72 23.49
C THR A 28 -2.33 -23.09 24.15
N THR A 29 -1.81 -23.26 25.36
CA THR A 29 -2.09 -24.45 26.16
C THR A 29 -3.08 -24.11 27.25
N VAL A 30 -4.10 -24.94 27.42
CA VAL A 30 -5.00 -24.84 28.57
C VAL A 30 -4.57 -25.88 29.59
N TYR A 31 -5.21 -25.87 30.75
CA TYR A 31 -4.81 -26.76 31.84
C TYR A 31 -5.91 -26.92 32.88
N ALA A 32 -6.05 -28.13 33.42
CA ALA A 32 -7.02 -28.43 34.46
C ALA A 32 -6.52 -29.60 35.30
N GLU A 33 -6.81 -29.58 36.61
CA GLU A 33 -6.44 -30.66 37.52
C GLU A 33 -7.66 -31.26 38.21
N ASP A 34 -7.48 -32.47 38.75
CA ASP A 34 -8.57 -33.26 39.32
C ASP A 34 -8.27 -33.67 40.76
N ALA A 35 -9.18 -33.34 41.68
CA ALA A 35 -8.94 -33.50 43.12
C ALA A 35 -9.04 -34.95 43.66
N ASP A 36 -9.44 -35.91 42.83
CA ASP A 36 -9.48 -37.32 43.24
C ASP A 36 -8.07 -37.90 43.38
N PRO A 37 -7.90 -38.94 44.22
CA PRO A 37 -6.59 -39.59 44.43
C PRO A 37 -5.78 -39.78 43.12
N PRO A 38 -4.50 -39.36 43.12
CA PRO A 38 -3.68 -39.33 41.90
C PRO A 38 -3.28 -40.72 41.38
N GLY A 39 -2.89 -40.78 40.10
CA GLY A 39 -2.48 -42.03 39.46
C GLY A 39 -3.62 -42.89 38.91
N MET A 40 -4.86 -42.52 39.21
CA MET A 40 -6.05 -43.33 38.83
C MET A 40 -6.83 -42.67 37.69
N PRO A 41 -7.77 -43.43 37.06
CA PRO A 41 -8.70 -42.86 36.06
C PRO A 41 -9.50 -41.65 36.56
N ALA A 42 -10.14 -41.78 37.73
CA ALA A 42 -10.94 -40.71 38.33
C ALA A 42 -10.28 -39.31 38.25
N SER A 43 -8.95 -39.27 38.32
CA SER A 43 -8.19 -38.01 38.21
C SER A 43 -7.25 -38.03 36.98
N ARG A 44 -7.74 -38.59 35.87
CA ARG A 44 -6.99 -38.67 34.61
C ARG A 44 -7.70 -37.79 33.55
N VAL A 45 -7.25 -36.55 33.41
CA VAL A 45 -7.99 -35.53 32.65
C VAL A 45 -7.60 -35.44 31.16
N ARG A 46 -8.58 -35.73 30.30
CA ARG A 46 -8.47 -35.55 28.85
C ARG A 46 -9.16 -34.25 28.45
N TYR A 47 -8.72 -33.65 27.35
CA TYR A 47 -9.28 -32.37 26.85
C TYR A 47 -9.98 -32.52 25.50
N ARG A 48 -11.05 -31.74 25.31
CA ARG A 48 -11.89 -31.80 24.10
C ARG A 48 -12.54 -30.44 23.83
N VAL A 49 -12.92 -30.19 22.56
CA VAL A 49 -13.62 -28.94 22.17
C VAL A 49 -15.13 -29.13 22.26
N ASP A 50 -15.88 -28.04 22.14
CA ASP A 50 -17.33 -28.13 22.17
C ASP A 50 -18.00 -27.16 21.20
N ASP A 51 -19.17 -27.55 20.72
CA ASP A 51 -19.85 -26.86 19.63
C ASP A 51 -21.34 -26.63 19.90
N VAL A 52 -21.70 -26.42 21.16
CA VAL A 52 -23.07 -26.10 21.50
C VAL A 52 -23.34 -24.66 21.10
N GLN A 53 -22.68 -23.72 21.78
CA GLN A 53 -22.94 -22.29 21.59
C GLN A 53 -22.05 -21.69 20.50
N PHE A 54 -20.84 -22.24 20.32
CA PHE A 54 -19.90 -21.72 19.36
C PHE A 54 -19.36 -22.85 18.49
N PRO A 55 -20.15 -23.23 17.47
CA PRO A 55 -19.76 -24.33 16.59
C PRO A 55 -18.71 -23.94 15.54
N TYR A 56 -18.67 -22.67 15.14
CA TYR A 56 -17.72 -22.27 14.11
C TYR A 56 -16.27 -22.25 14.64
N PRO A 57 -16.04 -21.65 15.81
CA PRO A 57 -14.68 -21.76 16.37
C PRO A 57 -14.24 -23.24 16.45
N ALA A 58 -15.17 -24.11 16.84
CA ALA A 58 -14.92 -25.55 16.90
C ALA A 58 -14.60 -26.14 15.53
N SER A 59 -15.18 -25.57 14.47
CA SER A 59 -14.91 -26.04 13.11
C SER A 59 -13.46 -25.74 12.65
N ILE A 60 -12.83 -24.72 13.23
CA ILE A 60 -11.48 -24.29 12.80
C ILE A 60 -10.38 -24.47 13.84
N PHE A 61 -10.75 -24.71 15.09
CA PHE A 61 -9.77 -24.97 16.15
C PHE A 61 -10.04 -26.31 16.81
N ASP A 62 -8.99 -26.88 17.38
CA ASP A 62 -9.09 -28.15 18.10
C ASP A 62 -8.06 -28.15 19.22
N VAL A 63 -8.40 -28.79 20.34
CA VAL A 63 -7.48 -28.96 21.47
C VAL A 63 -6.96 -30.39 21.45
N GLU A 64 -5.66 -30.56 21.73
CA GLU A 64 -5.07 -31.90 21.83
C GLU A 64 -5.57 -32.58 23.12
N GLU A 65 -5.80 -33.89 23.04
CA GLU A 65 -6.48 -34.61 24.12
C GLU A 65 -5.65 -34.68 25.40
N ASP A 66 -4.35 -34.94 25.26
CA ASP A 66 -3.48 -35.22 26.41
C ASP A 66 -2.58 -34.05 26.82
N SER A 67 -2.14 -33.24 25.87
CA SER A 67 -1.26 -32.10 26.18
C SER A 67 -2.05 -30.84 26.55
N GLY A 68 -3.21 -30.65 25.93
CA GLY A 68 -4.05 -29.46 26.17
C GLY A 68 -3.72 -28.26 25.27
N ARG A 69 -2.82 -28.44 24.30
CA ARG A 69 -2.48 -27.36 23.37
C ARG A 69 -3.63 -27.13 22.39
N VAL A 70 -4.03 -25.86 22.27
CA VAL A 70 -5.04 -25.45 21.30
C VAL A 70 -4.35 -25.11 20.00
N VAL A 71 -4.91 -25.61 18.89
CA VAL A 71 -4.29 -25.48 17.57
C VAL A 71 -5.32 -25.30 16.47
N THR A 72 -4.85 -24.98 15.28
CA THR A 72 -5.71 -24.86 14.11
C THR A 72 -6.06 -26.24 13.60
N ARG A 73 -7.37 -26.49 13.47
CA ARG A 73 -7.87 -27.72 12.87
C ARG A 73 -7.67 -27.70 11.36
N VAL A 74 -7.64 -26.50 10.80
CA VAL A 74 -7.56 -26.29 9.33
C VAL A 74 -6.59 -25.16 8.98
N ASN A 75 -6.13 -25.13 7.73
CA ASN A 75 -5.44 -23.95 7.23
C ASN A 75 -6.45 -22.83 7.22
N LEU A 76 -6.22 -21.76 7.98
CA LEU A 76 -7.33 -20.81 8.10
C LEU A 76 -7.21 -19.66 7.11
N ASN A 77 -8.31 -18.98 6.96
CA ASN A 77 -8.43 -17.75 6.17
C ASN A 77 -9.50 -16.87 6.81
N GLU A 78 -9.19 -16.34 8.00
CA GLU A 78 -10.11 -15.48 8.74
C GLU A 78 -9.56 -14.07 8.71
N GLU A 79 -10.38 -13.09 9.09
CA GLU A 79 -10.01 -11.66 9.00
C GLU A 79 -9.36 -11.17 10.31
N PRO A 80 -8.32 -10.31 10.21
CA PRO A 80 -7.69 -9.71 11.40
C PRO A 80 -8.65 -9.01 12.37
N THR A 81 -8.18 -8.82 13.61
CA THR A 81 -8.93 -8.18 14.72
C THR A 81 -10.15 -8.99 15.24
N THR A 82 -10.48 -10.11 14.60
CA THR A 82 -11.62 -10.94 15.02
C THR A 82 -11.29 -11.67 16.32
N ILE A 83 -12.31 -11.89 17.14
CA ILE A 83 -12.13 -12.65 18.38
C ILE A 83 -13.13 -13.81 18.41
N PHE A 84 -12.61 -15.02 18.53
CA PHE A 84 -13.46 -16.21 18.63
C PHE A 84 -13.54 -16.72 20.07
N LYS A 85 -14.69 -17.28 20.42
CA LYS A 85 -14.86 -17.94 21.71
C LYS A 85 -14.88 -19.46 21.50
N LEU A 86 -13.71 -20.08 21.67
CA LEU A 86 -13.60 -21.54 21.61
C LEU A 86 -13.89 -22.11 22.98
N VAL A 87 -14.73 -23.15 23.03
CA VAL A 87 -15.15 -23.76 24.29
C VAL A 87 -14.49 -25.11 24.51
N VAL A 88 -13.65 -25.21 25.54
CA VAL A 88 -12.92 -26.44 25.84
C VAL A 88 -13.48 -27.15 27.07
N VAL A 89 -13.64 -28.46 26.96
CA VAL A 89 -14.12 -29.29 28.05
C VAL A 89 -13.02 -30.29 28.43
N ALA A 90 -12.66 -30.26 29.72
CA ALA A 90 -11.75 -31.24 30.29
C ALA A 90 -12.57 -32.25 31.06
N PHE A 91 -12.33 -33.55 30.78
CA PHE A 91 -13.10 -34.63 31.42
C PHE A 91 -12.19 -35.76 31.90
N ASP A 92 -12.56 -36.40 33.00
CA ASP A 92 -11.75 -37.49 33.59
C ASP A 92 -12.13 -38.87 33.00
N ASP A 93 -11.45 -39.92 33.46
CA ASP A 93 -11.75 -41.32 33.05
C ASP A 93 -12.47 -42.04 34.21
N GLY A 94 -13.20 -41.28 35.02
CA GLY A 94 -13.82 -41.83 36.21
C GLY A 94 -15.14 -42.51 35.94
N GLU A 95 -15.81 -42.86 37.02
CA GLU A 95 -17.09 -43.54 36.97
C GLU A 95 -17.95 -43.07 38.17
N PRO A 96 -18.94 -42.20 37.92
CA PRO A 96 -19.26 -41.66 36.58
C PRO A 96 -18.22 -40.63 36.08
N VAL A 97 -18.12 -40.46 34.77
CA VAL A 97 -17.19 -39.50 34.18
C VAL A 97 -17.65 -38.06 34.43
N MET A 98 -16.82 -37.28 35.12
CA MET A 98 -17.10 -35.86 35.40
C MET A 98 -16.32 -34.95 34.45
N SER A 99 -16.69 -33.67 34.41
CA SER A 99 -16.02 -32.67 33.55
C SER A 99 -16.32 -31.22 34.00
N SER A 100 -15.67 -30.27 33.30
CA SER A 100 -15.98 -28.84 33.43
C SER A 100 -15.49 -28.18 32.17
N SER A 101 -16.04 -27.01 31.84
CA SER A 101 -15.64 -26.30 30.61
C SER A 101 -14.91 -24.99 30.89
N ALA A 102 -14.36 -24.40 29.83
CA ALA A 102 -13.71 -23.09 29.90
C ALA A 102 -13.61 -22.49 28.50
N THR A 103 -13.33 -21.18 28.43
CA THR A 103 -13.29 -20.47 27.16
C THR A 103 -11.88 -20.00 26.81
N VAL A 104 -11.54 -20.13 25.52
CA VAL A 104 -10.29 -19.61 25.01
C VAL A 104 -10.61 -18.52 23.99
N ARG A 105 -10.39 -17.28 24.39
CA ARG A 105 -10.64 -16.16 23.51
C ARG A 105 -9.43 -16.00 22.63
N ILE A 106 -9.61 -16.22 21.32
CA ILE A 106 -8.52 -16.20 20.37
C ILE A 106 -8.62 -14.98 19.49
N LEU A 107 -7.48 -14.29 19.36
CA LEU A 107 -7.37 -13.09 18.54
C LEU A 107 -6.70 -13.41 17.21
N VAL A 108 -7.38 -13.06 16.12
CA VAL A 108 -6.86 -13.30 14.77
C VAL A 108 -6.02 -12.08 14.40
N LEU A 109 -4.69 -12.28 14.33
CA LEU A 109 -3.76 -11.18 14.06
C LEU A 109 -2.40 -11.70 13.62
N HIS A 110 -1.75 -10.92 12.74
CA HIS A 110 -0.40 -11.23 12.29
C HIS A 110 0.61 -10.74 13.31
N PRO A 111 1.61 -11.58 13.64
CA PRO A 111 2.72 -11.14 14.48
C PRO A 111 3.56 -10.02 13.84
N GLY A 112 3.85 -10.14 12.55
CA GLY A 112 4.67 -9.14 11.85
C GLY A 112 4.05 -7.76 11.72
N GLU A 113 2.73 -7.66 11.93
CA GLU A 113 2.01 -6.37 11.88
C GLU A 113 1.95 -5.68 13.25
N ILE A 114 2.48 -6.33 14.30
CA ILE A 114 2.70 -5.67 15.59
C ILE A 114 3.91 -4.76 15.46
N PRO A 115 3.82 -3.52 15.99
CA PRO A 115 4.95 -2.58 15.79
C PRO A 115 6.27 -3.00 16.46
N ARG A 116 7.35 -2.35 16.02
CA ARG A 116 8.68 -2.56 16.55
C ARG A 116 9.34 -1.20 16.70
N PHE A 117 9.80 -0.88 17.92
CA PHE A 117 10.44 0.42 18.17
C PHE A 117 11.83 0.49 17.53
N THR A 118 12.33 1.71 17.35
CA THR A 118 13.66 1.91 16.82
C THR A 118 14.74 1.64 17.88
N GLN A 119 14.37 1.73 19.16
CA GLN A 119 15.29 1.46 20.28
C GLN A 119 14.49 0.88 21.45
N GLU A 120 15.13 0.08 22.32
CA GLU A 120 14.46 -0.38 23.54
C GLU A 120 14.57 0.64 24.69
N GLU A 121 15.67 1.41 24.71
CA GLU A 121 15.80 2.56 25.63
C GLU A 121 15.98 3.85 24.83
N TYR A 122 15.24 4.89 25.21
CA TYR A 122 15.43 6.23 24.64
C TYR A 122 15.93 7.12 25.75
N ARG A 123 17.11 7.72 25.57
CA ARG A 123 17.70 8.57 26.59
C ARG A 123 17.84 10.01 26.08
N PRO A 124 16.73 10.78 26.11
CA PRO A 124 16.81 12.15 25.61
C PRO A 124 17.59 13.09 26.54
N PRO A 125 18.06 14.25 26.01
CA PRO A 125 18.76 15.22 26.84
C PRO A 125 17.91 15.68 28.04
N PRO A 126 18.58 16.11 29.13
CA PRO A 126 17.95 16.41 30.42
C PRO A 126 17.07 17.65 30.37
N VAL A 127 15.82 17.51 30.80
CA VAL A 127 14.84 18.60 30.75
C VAL A 127 14.90 19.49 32.02
N SER A 128 15.10 20.79 31.83
CA SER A 128 15.02 21.77 32.94
C SER A 128 13.78 21.56 33.79
N GLU A 129 13.93 21.68 35.11
CA GLU A 129 12.77 21.61 36.00
C GLU A 129 11.79 22.78 35.72
N LEU A 130 12.31 23.93 35.28
CA LEU A 130 11.45 25.11 35.03
C LEU A 130 10.86 25.16 33.62
N ALA A 131 11.04 24.10 32.84
CA ALA A 131 10.47 24.03 31.49
C ALA A 131 8.95 24.21 31.50
N ALA A 132 8.43 24.98 30.56
CA ALA A 132 7.00 25.26 30.48
C ALA A 132 6.23 24.07 29.93
N ARG A 133 4.91 24.07 30.12
CA ARG A 133 4.05 23.06 29.54
C ARG A 133 4.23 23.03 28.01
N GLY A 134 4.25 21.83 27.44
CA GLY A 134 4.39 21.67 25.99
C GLY A 134 5.83 21.59 25.50
N THR A 135 6.80 21.84 26.39
CA THR A 135 8.21 21.76 26.02
C THR A 135 8.53 20.33 25.59
N VAL A 136 9.06 20.18 24.39
CA VAL A 136 9.40 18.84 23.88
C VAL A 136 10.52 18.23 24.73
N VAL A 137 10.38 16.94 25.03
CA VAL A 137 11.29 16.22 25.92
C VAL A 137 12.14 15.24 25.12
N GLY A 138 11.47 14.45 24.31
CA GLY A 138 12.09 13.55 23.36
C GLY A 138 11.06 13.06 22.37
N VAL A 139 11.44 12.07 21.57
CA VAL A 139 10.52 11.48 20.59
C VAL A 139 10.81 9.99 20.36
N ILE A 140 9.74 9.21 20.18
CA ILE A 140 9.87 7.76 19.97
C ILE A 140 9.32 7.34 18.60
N SER A 141 9.92 6.28 18.05
CA SER A 141 9.68 5.92 16.66
C SER A 141 9.50 4.40 16.48
N ALA A 142 8.47 4.04 15.72
CA ALA A 142 8.13 2.62 15.53
C ALA A 142 7.41 2.36 14.20
N ALA A 143 7.89 1.35 13.47
CA ALA A 143 7.32 0.92 12.19
C ALA A 143 6.51 -0.38 12.31
N ALA A 144 5.70 -0.64 11.29
CA ALA A 144 4.89 -1.85 11.19
C ALA A 144 4.31 -1.92 9.78
N ILE A 145 4.31 -3.12 9.21
CA ILE A 145 4.00 -3.29 7.79
C ILE A 145 2.50 -3.00 7.52
N ASN A 146 2.23 -2.26 6.43
CA ASN A 146 0.88 -1.71 6.12
C ASN A 146 0.16 -1.13 7.36
N GLN A 147 0.89 -0.41 8.21
CA GLN A 147 0.31 0.06 9.47
C GLN A 147 0.83 1.43 9.92
N SER A 148 -0.13 2.31 10.26
CA SER A 148 0.18 3.56 10.91
C SER A 148 0.14 3.30 12.40
N ILE A 149 0.95 4.02 13.15
CA ILE A 149 1.21 3.68 14.53
C ILE A 149 0.65 4.70 15.49
N VAL A 150 -0.11 4.21 16.46
CA VAL A 150 -0.56 4.98 17.61
C VAL A 150 0.38 4.74 18.77
N TYR A 151 0.90 5.80 19.38
CA TYR A 151 1.78 5.67 20.54
C TYR A 151 1.03 5.96 21.85
N SER A 152 1.48 5.35 22.94
CA SER A 152 0.90 5.62 24.26
C SER A 152 1.92 5.40 25.39
N ILE A 153 1.81 6.21 26.45
CA ILE A 153 2.59 5.99 27.66
C ILE A 153 1.75 5.13 28.56
N VAL A 154 2.26 3.94 28.91
CA VAL A 154 1.47 2.92 29.66
C VAL A 154 1.86 2.77 31.13
N ALA A 155 3.03 3.28 31.52
CA ALA A 155 3.46 3.20 32.91
C ALA A 155 4.58 4.18 33.24
N GLY A 156 4.71 4.51 34.51
CA GLY A 156 5.82 5.32 34.99
C GLY A 156 5.57 6.82 34.99
N ASN A 157 4.37 7.23 34.56
CA ASN A 157 4.02 8.65 34.55
C ASN A 157 2.87 8.91 35.51
N GLU A 158 3.00 8.40 36.74
CA GLU A 158 1.91 8.48 37.72
C GLU A 158 1.62 9.91 38.16
N GLU A 159 2.62 10.78 38.02
CA GLU A 159 2.48 12.17 38.44
C GLU A 159 1.81 13.07 37.38
N ASP A 160 1.50 12.50 36.19
CA ASP A 160 1.01 13.27 35.03
C ASP A 160 1.94 14.41 34.66
N LYS A 161 3.24 14.18 34.84
CA LYS A 161 4.26 15.17 34.52
C LYS A 161 4.52 15.21 33.02
N PHE A 162 4.13 14.12 32.33
CA PHE A 162 4.36 14.03 30.90
C PHE A 162 3.13 13.61 30.12
N GLY A 163 3.15 13.96 28.84
CA GLY A 163 2.16 13.53 27.89
C GLY A 163 2.89 13.13 26.64
N ILE A 164 2.16 12.51 25.73
CA ILE A 164 2.73 12.13 24.46
C ILE A 164 1.74 12.41 23.35
N ASN A 165 2.25 12.93 22.25
CA ASN A 165 1.43 13.07 21.07
C ASN A 165 1.22 11.67 20.48
N ASN A 166 -0.01 11.17 20.59
CA ASN A 166 -0.27 9.75 20.27
C ASN A 166 -0.06 9.36 18.80
N VAL A 167 0.28 10.33 17.94
CA VAL A 167 0.49 10.05 16.52
C VAL A 167 1.93 10.35 16.06
N THR A 168 2.52 11.44 16.54
CA THR A 168 3.91 11.77 16.21
C THR A 168 4.89 11.09 17.15
N GLY A 169 4.37 10.51 18.23
CA GLY A 169 5.22 9.86 19.23
C GLY A 169 6.17 10.83 19.95
N VAL A 170 5.78 12.11 20.00
CA VAL A 170 6.58 13.15 20.65
C VAL A 170 6.17 13.29 22.11
N ILE A 171 7.09 12.97 23.02
CA ILE A 171 6.82 13.10 24.42
C ILE A 171 7.07 14.53 24.86
N TYR A 172 6.14 15.08 25.64
CA TYR A 172 6.20 16.48 26.08
C TYR A 172 5.91 16.66 27.58
N VAL A 173 6.21 17.84 28.09
CA VAL A 173 5.97 18.18 29.49
C VAL A 173 4.51 18.56 29.69
N ASN A 174 3.84 17.91 30.64
CA ASN A 174 2.42 18.17 30.87
C ASN A 174 2.19 19.05 32.09
N SER A 175 2.77 18.66 33.21
CA SER A 175 2.73 19.44 34.46
C SER A 175 4.11 20.04 34.74
N PRO A 176 4.19 20.98 35.70
CA PRO A 176 5.49 21.61 35.96
C PRO A 176 6.36 20.69 36.79
N LEU A 177 7.64 20.66 36.46
CA LEU A 177 8.57 19.70 37.04
C LEU A 177 9.36 20.31 38.19
N ASP A 178 9.56 19.54 39.26
CA ASP A 178 10.39 19.98 40.35
C ASP A 178 11.51 19.00 40.55
N TYR A 179 12.74 19.46 40.36
CA TYR A 179 13.94 18.65 40.53
C TYR A 179 14.05 18.11 41.94
N GLU A 180 13.69 18.93 42.92
CA GLU A 180 13.83 18.57 44.34
C GLU A 180 12.83 17.50 44.74
N THR A 181 11.68 17.44 44.06
CA THR A 181 10.71 16.37 44.29
C THR A 181 11.16 15.09 43.63
N ARG A 182 11.65 15.19 42.39
CA ARG A 182 12.01 14.00 41.63
C ARG A 182 12.95 14.32 40.46
N THR A 183 14.10 13.65 40.44
CA THR A 183 15.19 13.97 39.49
C THR A 183 15.18 13.15 38.21
N SER A 184 14.37 12.09 38.17
CA SER A 184 14.30 11.25 36.98
C SER A 184 13.11 10.30 36.97
N TYR A 185 12.74 9.93 35.76
CA TYR A 185 11.58 9.13 35.48
C TYR A 185 11.96 8.06 34.47
N VAL A 186 11.19 6.98 34.45
CA VAL A 186 11.31 6.00 33.38
C VAL A 186 9.91 5.63 32.92
N LEU A 187 9.63 5.98 31.67
CA LEU A 187 8.33 5.75 31.11
C LEU A 187 8.32 4.43 30.36
N ARG A 188 7.20 3.75 30.46
CA ARG A 188 6.94 2.59 29.65
C ARG A 188 6.07 3.08 28.54
N VAL A 189 6.48 2.82 27.31
CA VAL A 189 5.73 3.29 26.16
C VAL A 189 5.32 2.12 25.30
N GLN A 190 4.34 2.36 24.46
CA GLN A 190 3.75 1.31 23.68
C GLN A 190 3.24 1.84 22.36
N ALA A 191 3.72 1.22 21.28
CA ALA A 191 3.21 1.44 19.94
C ALA A 191 2.24 0.32 19.63
N ASP A 192 1.02 0.70 19.26
CA ASP A 192 0.03 -0.24 18.76
C ASP A 192 -0.36 0.19 17.37
N SER A 193 -0.68 -0.78 16.51
CA SER A 193 -1.14 -0.45 15.17
C SER A 193 -2.51 0.17 15.24
N LEU A 194 -2.79 1.01 14.25
CA LEU A 194 -4.02 1.77 14.25
C LEU A 194 -5.19 0.81 14.05
N GLU A 195 -5.02 -0.17 13.18
CA GLU A 195 -6.04 -1.17 12.94
C GLU A 195 -6.44 -1.87 14.25
N VAL A 196 -5.46 -2.08 15.12
CA VAL A 196 -5.68 -2.66 16.45
C VAL A 196 -6.39 -1.68 17.39
N VAL A 197 -5.92 -0.45 17.42
CA VAL A 197 -6.51 0.58 18.29
C VAL A 197 -8.00 0.73 18.00
N LEU A 198 -8.33 0.81 16.70
CA LEU A 198 -9.73 0.94 16.23
C LEU A 198 -10.66 -0.18 16.72
N ALA A 199 -10.14 -1.40 16.83
CA ALA A 199 -10.91 -2.52 17.39
C ALA A 199 -10.91 -2.54 18.94
N ASN A 200 -10.50 -1.43 19.58
CA ASN A 200 -10.49 -1.32 21.06
C ASN A 200 -9.60 -2.37 21.70
N LEU A 201 -8.41 -2.58 21.13
CA LEU A 201 -7.47 -3.60 21.61
C LEU A 201 -6.07 -3.08 21.79
N ARG A 202 -5.33 -3.71 22.70
CA ARG A 202 -3.89 -3.46 22.85
C ARG A 202 -3.20 -4.81 22.90
N VAL A 203 -2.08 -4.93 22.20
CA VAL A 203 -1.38 -6.20 22.13
C VAL A 203 0.10 -5.99 22.43
N PRO A 204 0.49 -6.07 23.71
CA PRO A 204 1.88 -5.88 24.06
C PRO A 204 2.75 -7.10 23.72
N SER A 205 4.02 -6.83 23.41
CA SER A 205 5.02 -7.86 23.16
C SER A 205 6.38 -7.20 23.36
N LYS A 206 7.47 -7.95 23.21
CA LYS A 206 8.79 -7.43 23.54
C LYS A 206 9.21 -6.26 22.64
N SER A 207 8.78 -6.30 21.39
CA SER A 207 9.26 -5.36 20.39
C SER A 207 8.41 -4.11 20.26
N ASN A 208 7.18 -4.11 20.81
CA ASN A 208 6.34 -2.90 20.74
C ASN A 208 6.19 -2.24 22.10
N THR A 209 7.22 -2.39 22.93
CA THR A 209 7.32 -1.69 24.20
C THR A 209 8.76 -1.31 24.42
N ALA A 210 8.97 -0.08 24.89
CA ALA A 210 10.30 0.45 25.12
C ALA A 210 10.30 1.35 26.34
N LYS A 211 11.49 1.73 26.79
CA LYS A 211 11.66 2.55 27.99
C LYS A 211 12.24 3.91 27.65
N VAL A 212 11.74 4.96 28.32
CA VAL A 212 12.29 6.31 28.15
C VAL A 212 12.81 6.87 29.49
N TYR A 213 14.14 7.07 29.54
CA TYR A 213 14.79 7.64 30.72
C TYR A 213 14.89 9.16 30.58
N ILE A 214 14.06 9.85 31.35
CA ILE A 214 14.03 11.30 31.41
C ILE A 214 14.81 11.76 32.63
N GLU A 215 15.64 12.79 32.45
CA GLU A 215 16.46 13.33 33.52
C GLU A 215 16.08 14.77 33.76
N ILE A 216 15.82 15.12 35.02
CA ILE A 216 15.42 16.49 35.36
C ILE A 216 16.67 17.33 35.64
N GLN A 217 16.70 18.54 35.09
CA GLN A 217 17.82 19.45 35.27
C GLN A 217 17.46 20.51 36.33
N ASP A 218 18.28 20.57 37.37
CA ASP A 218 18.03 21.47 38.49
C ASP A 218 18.33 22.90 38.13
N GLU A 219 17.45 23.79 38.53
CA GLU A 219 17.66 25.23 38.36
C GLU A 219 17.57 25.85 39.78
N ASN A 220 17.80 27.14 39.93
CA ASN A 220 17.49 27.79 41.20
C ASN A 220 16.04 28.22 41.30
N ASP A 221 15.26 27.41 42.01
CA ASP A 221 13.90 27.80 42.40
C ASP A 221 13.79 27.78 43.96
N HIS A 222 12.58 27.85 44.51
CA HIS A 222 12.42 27.62 45.95
C HIS A 222 12.57 26.13 46.26
N PRO A 223 13.60 25.76 47.05
CA PRO A 223 13.70 24.34 47.43
C PRO A 223 12.66 23.98 48.50
N PRO A 224 12.04 22.77 48.40
CA PRO A 224 11.22 22.38 49.52
C PRO A 224 12.19 22.11 50.63
N VAL A 225 11.83 22.51 51.84
CA VAL A 225 12.80 22.44 52.90
C VAL A 225 12.35 21.32 53.84
N PHE A 226 11.20 21.49 54.45
CA PHE A 226 10.65 20.44 55.30
C PHE A 226 9.25 20.16 54.89
N LEU A 227 8.71 19.01 55.29
CA LEU A 227 7.40 18.62 54.83
C LEU A 227 6.30 18.59 55.90
N GLU A 228 6.24 17.53 56.68
CA GLU A 228 5.06 17.26 57.47
C GLU A 228 5.05 18.12 58.76
N MET B 1 25.05 -56.99 15.29
CA MET B 1 25.83 -55.79 14.88
C MET B 1 24.96 -54.82 14.07
N ASN B 2 25.41 -53.56 13.98
CA ASN B 2 24.69 -52.47 13.34
C ASN B 2 25.48 -51.98 12.13
N ASP B 3 25.04 -52.40 10.93
CA ASP B 3 25.78 -52.11 9.68
C ASP B 3 24.96 -51.42 8.54
N TYR B 4 23.77 -50.89 8.87
CA TYR B 4 22.96 -50.12 7.90
C TYR B 4 22.57 -48.77 8.51
N PRO B 5 22.78 -47.66 7.76
CA PRO B 5 22.37 -46.36 8.29
C PRO B 5 20.89 -46.09 7.98
N PRO B 6 20.31 -45.05 8.61
CA PRO B 6 19.01 -44.55 8.18
C PRO B 6 19.09 -44.03 6.74
N VAL B 7 18.02 -44.24 5.96
CA VAL B 7 17.98 -43.83 4.56
C VAL B 7 16.73 -42.99 4.32
N PHE B 8 16.90 -41.68 4.13
CA PHE B 8 15.77 -40.76 3.94
C PHE B 8 14.90 -41.16 2.76
N SER B 9 13.59 -40.97 2.90
CA SER B 9 12.65 -41.23 1.83
C SER B 9 12.96 -40.36 0.61
N LYS B 10 13.36 -39.11 0.86
CA LYS B 10 13.74 -38.17 -0.19
C LYS B 10 15.13 -37.56 0.06
N ARG B 11 15.81 -37.21 -1.02
CA ARG B 11 17.14 -36.59 -0.95
C ARG B 11 16.98 -35.10 -0.64
N ILE B 12 15.94 -34.48 -1.24
CA ILE B 12 15.59 -33.07 -0.99
C ILE B 12 14.08 -32.88 -0.77
N TYR B 13 13.71 -32.38 0.41
CA TYR B 13 12.32 -32.07 0.75
C TYR B 13 12.06 -30.61 0.46
N LYS B 14 10.80 -30.27 0.18
CA LYS B 14 10.37 -28.85 0.08
C LYS B 14 9.42 -28.54 1.25
N GLY B 15 9.14 -27.27 1.46
CA GLY B 15 8.23 -26.83 2.53
C GLY B 15 8.08 -25.34 2.56
N MET B 16 6.93 -24.87 3.05
CA MET B 16 6.65 -23.42 3.14
C MET B 16 6.51 -22.95 4.58
N VAL B 17 6.74 -21.67 4.80
CA VAL B 17 6.58 -21.07 6.12
C VAL B 17 6.28 -19.58 5.97
N ALA B 18 5.33 -19.07 6.76
CA ALA B 18 5.04 -17.64 6.77
C ALA B 18 6.28 -16.86 7.21
N PRO B 19 6.46 -15.63 6.70
CA PRO B 19 7.64 -14.82 7.09
C PRO B 19 7.58 -14.28 8.53
N ASP B 20 6.40 -14.31 9.17
CA ASP B 20 6.26 -13.87 10.58
C ASP B 20 5.84 -15.03 11.50
N ALA B 21 6.03 -16.26 11.02
CA ALA B 21 5.53 -17.46 11.70
C ALA B 21 5.93 -17.54 13.15
N VAL B 22 4.97 -17.93 13.99
CA VAL B 22 5.21 -18.10 15.44
C VAL B 22 6.17 -19.28 15.67
N LYS B 23 6.58 -19.46 16.92
CA LYS B 23 7.44 -20.56 17.29
C LYS B 23 6.65 -21.85 17.28
N GLY B 24 7.24 -22.89 16.70
CA GLY B 24 6.62 -24.18 16.62
C GLY B 24 5.53 -24.28 15.55
N THR B 25 5.67 -23.47 14.48
CA THR B 25 4.77 -23.59 13.33
C THR B 25 5.27 -24.77 12.48
N PRO B 26 4.38 -25.74 12.14
CA PRO B 26 4.79 -26.92 11.36
C PRO B 26 5.06 -26.57 9.90
N ILE B 27 6.18 -27.04 9.37
CA ILE B 27 6.57 -26.74 7.99
C ILE B 27 6.42 -27.97 7.13
N THR B 28 7.07 -29.06 7.51
CA THR B 28 6.94 -30.35 6.80
C THR B 28 7.46 -31.51 7.67
N THR B 29 7.09 -32.74 7.30
CA THR B 29 7.62 -33.93 7.95
C THR B 29 8.66 -34.56 7.02
N VAL B 30 9.81 -34.92 7.57
CA VAL B 30 10.79 -35.73 6.84
C VAL B 30 10.65 -37.17 7.32
N TYR B 31 11.38 -38.08 6.68
CA TYR B 31 11.24 -39.50 6.99
C TYR B 31 12.44 -40.32 6.52
N ALA B 32 12.82 -41.31 7.32
CA ALA B 32 13.93 -42.21 6.98
C ALA B 32 13.74 -43.56 7.67
N GLU B 33 14.15 -44.64 7.01
CA GLU B 33 14.05 -46.01 7.57
C GLU B 33 15.42 -46.68 7.64
N ASP B 34 15.51 -47.74 8.46
CA ASP B 34 16.79 -48.39 8.76
C ASP B 34 16.70 -49.90 8.48
N ALA B 35 17.64 -50.41 7.68
CA ALA B 35 17.58 -51.78 7.18
C ALA B 35 17.98 -52.89 8.18
N ASP B 36 18.46 -52.52 9.37
CA ASP B 36 18.80 -53.50 10.41
C ASP B 36 17.54 -54.13 11.02
N PRO B 37 17.67 -55.36 11.57
CA PRO B 37 16.56 -56.07 12.23
C PRO B 37 15.64 -55.16 13.06
N PRO B 38 14.30 -55.25 12.82
CA PRO B 38 13.33 -54.31 13.41
C PRO B 38 13.12 -54.49 14.92
N GLY B 39 12.57 -53.45 15.56
CA GLY B 39 12.27 -53.48 17.00
C GLY B 39 13.44 -53.11 17.91
N MET B 40 14.66 -53.04 17.36
CA MET B 40 15.89 -52.88 18.14
C MET B 40 16.50 -51.49 17.97
N PRO B 41 17.51 -51.14 18.83
CA PRO B 41 18.23 -49.85 18.70
C PRO B 41 18.85 -49.61 17.32
N ALA B 42 19.61 -50.59 16.83
CA ALA B 42 20.28 -50.50 15.51
C ALA B 42 19.39 -49.92 14.39
N SER B 43 18.09 -50.18 14.47
CA SER B 43 17.13 -49.64 13.49
C SER B 43 16.08 -48.74 14.18
N ARG B 44 16.53 -47.92 15.13
CA ARG B 44 15.67 -46.98 15.89
C ARG B 44 16.11 -45.55 15.55
N VAL B 45 15.43 -44.94 14.57
CA VAL B 45 15.90 -43.69 13.96
C VAL B 45 15.37 -42.42 14.62
N ARG B 46 16.28 -41.63 15.17
CA ARG B 46 15.99 -40.31 15.72
C ARG B 46 16.41 -39.26 14.71
N TYR B 47 15.77 -38.08 14.76
CA TYR B 47 16.06 -36.97 13.83
C TYR B 47 16.66 -35.74 14.53
N ARG B 48 17.57 -35.06 13.83
CA ARG B 48 18.29 -33.90 14.38
C ARG B 48 18.66 -32.93 13.24
N VAL B 49 18.87 -31.65 13.59
CA VAL B 49 19.33 -30.63 12.61
C VAL B 49 20.84 -30.55 12.56
N ASP B 50 21.39 -29.82 11.60
CA ASP B 50 22.84 -29.66 11.52
C ASP B 50 23.24 -28.26 11.07
N ASP B 51 24.41 -27.84 11.54
CA ASP B 51 24.86 -26.45 11.39
C ASP B 51 26.32 -26.34 10.91
N VAL B 52 26.75 -27.30 10.10
CA VAL B 52 28.08 -27.24 9.52
C VAL B 52 28.07 -26.18 8.42
N GLN B 53 27.35 -26.47 7.34
CA GLN B 53 27.34 -25.61 6.16
C GLN B 53 26.27 -24.51 6.23
N PHE B 54 25.16 -24.80 6.92
CA PHE B 54 24.05 -23.87 7.01
C PHE B 54 23.63 -23.71 8.46
N PRO B 55 24.37 -22.87 9.21
CA PRO B 55 24.08 -22.66 10.62
C PRO B 55 22.88 -21.75 10.89
N TYR B 56 22.60 -20.82 9.97
CA TYR B 56 21.50 -19.88 10.21
C TYR B 56 20.13 -20.57 10.10
N PRO B 57 19.91 -21.36 9.02
CA PRO B 57 18.66 -22.12 9.00
C PRO B 57 18.47 -22.93 10.29
N ALA B 58 19.56 -23.52 10.77
CA ALA B 58 19.55 -24.28 12.03
C ALA B 58 19.20 -23.40 13.22
N SER B 59 19.59 -22.13 13.17
CA SER B 59 19.27 -21.19 14.27
C SER B 59 17.75 -20.87 14.36
N ILE B 60 17.02 -21.03 13.26
CA ILE B 60 15.58 -20.67 13.23
C ILE B 60 14.63 -21.83 13.00
N PHE B 61 15.16 -22.99 12.56
CA PHE B 61 14.34 -24.18 12.38
C PHE B 61 14.88 -25.33 13.22
N ASP B 62 13.99 -26.25 13.56
CA ASP B 62 14.37 -27.45 14.31
C ASP B 62 13.46 -28.59 13.88
N VAL B 63 14.00 -29.80 13.87
CA VAL B 63 13.22 -31.00 13.57
C VAL B 63 12.94 -31.75 14.88
N GLU B 64 11.73 -32.27 15.03
CA GLU B 64 11.39 -33.06 16.22
C GLU B 64 12.11 -34.42 16.15
N GLU B 65 12.55 -34.91 17.32
CA GLU B 65 13.44 -36.06 17.37
C GLU B 65 12.75 -37.36 16.89
N ASP B 66 11.51 -37.56 17.32
CA ASP B 66 10.81 -38.84 17.09
C ASP B 66 9.78 -38.82 15.98
N SER B 67 9.12 -37.69 15.76
CA SER B 67 8.10 -37.59 14.72
C SER B 67 8.68 -37.20 13.36
N GLY B 68 9.75 -36.39 13.37
CA GLY B 68 10.38 -35.92 12.14
C GLY B 68 9.78 -34.64 11.54
N ARG B 69 8.84 -34.02 12.24
CA ARG B 69 8.25 -32.76 11.78
C ARG B 69 9.23 -31.61 11.91
N VAL B 70 9.41 -30.86 10.83
CA VAL B 70 10.25 -29.68 10.82
C VAL B 70 9.40 -28.48 11.20
N VAL B 71 9.93 -27.66 12.12
CA VAL B 71 9.16 -26.55 12.70
C VAL B 71 10.05 -25.34 12.96
N THR B 72 9.41 -24.23 13.29
CA THR B 72 10.13 -23.02 13.66
C THR B 72 10.66 -23.16 15.09
N ARG B 73 11.97 -22.96 15.23
CA ARG B 73 12.60 -22.94 16.54
C ARG B 73 12.25 -21.64 17.29
N VAL B 74 11.97 -20.59 16.51
CA VAL B 74 11.73 -19.24 17.03
C VAL B 74 10.59 -18.56 16.29
N ASN B 75 10.01 -17.53 16.90
CA ASN B 75 9.11 -16.66 16.18
C ASN B 75 9.92 -15.99 15.09
N LEU B 76 9.51 -16.18 13.84
CA LEU B 76 10.26 -15.71 12.70
C LEU B 76 10.02 -14.25 12.37
N ASN B 77 11.02 -13.64 11.75
CA ASN B 77 10.90 -12.37 11.08
C ASN B 77 11.86 -12.36 9.88
N GLU B 78 11.57 -13.19 8.89
CA GLU B 78 12.40 -13.30 7.69
C GLU B 78 11.64 -12.70 6.54
N GLU B 79 12.34 -12.44 5.42
CA GLU B 79 11.76 -11.74 4.26
C GLU B 79 11.17 -12.74 3.26
N PRO B 80 9.99 -12.40 2.66
CA PRO B 80 9.37 -13.27 1.64
C PRO B 80 10.29 -13.63 0.46
N THR B 81 9.90 -14.69 -0.26
CA THR B 81 10.64 -15.22 -1.45
C THR B 81 12.00 -15.89 -1.11
N THR B 82 12.45 -15.81 0.15
CA THR B 82 13.74 -16.38 0.54
C THR B 82 13.66 -17.90 0.57
N ILE B 83 14.77 -18.57 0.26
CA ILE B 83 14.84 -20.02 0.35
C ILE B 83 16.00 -20.44 1.23
N PHE B 84 15.72 -21.19 2.29
CA PHE B 84 16.75 -21.70 3.19
C PHE B 84 17.05 -23.18 2.93
N LYS B 85 18.30 -23.57 3.13
CA LYS B 85 18.70 -24.97 3.06
C LYS B 85 18.94 -25.49 4.49
N LEU B 86 17.91 -26.11 5.07
CA LEU B 86 18.03 -26.74 6.38
C LEU B 86 18.53 -28.16 6.19
N VAL B 87 19.53 -28.55 7.00
CA VAL B 87 20.17 -29.85 6.90
C VAL B 87 19.74 -30.76 8.05
N VAL B 88 19.03 -31.84 7.71
CA VAL B 88 18.54 -32.78 8.73
C VAL B 88 19.32 -34.09 8.71
N VAL B 89 19.68 -34.56 9.89
CA VAL B 89 20.40 -35.82 10.04
C VAL B 89 19.53 -36.78 10.84
N ALA B 90 19.29 -37.95 10.26
CA ALA B 90 18.61 -39.05 10.93
C ALA B 90 19.68 -40.04 11.37
N PHE B 91 19.65 -40.42 12.66
CA PHE B 91 20.65 -41.34 13.22
C PHE B 91 19.98 -42.43 14.07
N ASP B 92 20.57 -43.62 14.08
CA ASP B 92 20.03 -44.77 14.84
C ASP B 92 20.57 -44.80 16.28
N ASP B 93 20.15 -45.80 17.06
CA ASP B 93 20.65 -46.01 18.43
C ASP B 93 21.59 -47.22 18.46
N GLY B 94 22.26 -47.48 17.35
CA GLY B 94 23.07 -48.66 17.20
C GLY B 94 24.45 -48.51 17.78
N GLU B 95 25.28 -49.49 17.51
CA GLU B 95 26.65 -49.52 17.99
C GLU B 95 27.54 -50.21 16.93
N PRO B 96 28.34 -49.42 16.18
CA PRO B 96 28.42 -47.95 16.30
C PRO B 96 27.17 -47.24 15.74
N VAL B 97 26.91 -46.03 16.24
CA VAL B 97 25.76 -45.23 15.77
C VAL B 97 26.00 -44.73 14.33
N MET B 98 25.12 -45.13 13.41
CA MET B 98 25.19 -44.67 12.01
C MET B 98 24.16 -43.57 11.74
N SER B 99 24.31 -42.89 10.60
CA SER B 99 23.39 -41.82 10.20
C SER B 99 23.48 -41.49 8.69
N SER B 100 22.61 -40.58 8.25
CA SER B 100 22.68 -40.00 6.90
C SER B 100 21.96 -38.68 6.98
N SER B 101 22.27 -37.77 6.05
CA SER B 101 21.64 -36.43 6.07
C SER B 101 20.74 -36.20 4.86
N ALA B 102 20.00 -35.10 4.90
CA ALA B 102 19.15 -34.66 3.78
C ALA B 102 18.82 -33.19 3.94
N THR B 103 18.33 -32.58 2.86
CA THR B 103 18.05 -31.14 2.83
C THR B 103 16.58 -30.83 2.74
N VAL B 104 16.14 -29.83 3.49
CA VAL B 104 14.78 -29.33 3.40
C VAL B 104 14.83 -27.91 2.91
N ARG B 105 14.45 -27.71 1.65
CA ARG B 105 14.43 -26.37 1.06
C ARG B 105 13.12 -25.72 1.47
N ILE B 106 13.23 -24.66 2.27
CA ILE B 106 12.06 -23.99 2.83
C ILE B 106 11.86 -22.64 2.18
N LEU B 107 10.62 -22.38 1.77
CA LEU B 107 10.25 -21.12 1.12
C LEU B 107 9.52 -20.22 2.11
N VAL B 108 10.03 -19.00 2.27
CA VAL B 108 9.42 -18.01 3.16
C VAL B 108 8.35 -17.28 2.38
N LEU B 109 7.09 -17.53 2.71
CA LEU B 109 5.96 -16.95 1.99
C LEU B 109 4.65 -17.00 2.79
N HIS B 110 3.80 -16.00 2.60
CA HIS B 110 2.48 -15.98 3.22
C HIS B 110 1.50 -16.82 2.42
N PRO B 111 0.72 -17.67 3.10
CA PRO B 111 -0.35 -18.42 2.44
C PRO B 111 -1.45 -17.53 1.88
N GLY B 112 -1.87 -16.52 2.65
CA GLY B 112 -2.96 -15.62 2.22
C GLY B 112 -2.65 -14.74 1.01
N GLU B 113 -1.35 -14.62 0.68
CA GLU B 113 -0.91 -13.84 -0.48
C GLU B 113 -0.86 -14.69 -1.79
N ILE B 114 -1.10 -16.00 -1.67
CA ILE B 114 -1.30 -16.85 -2.85
C ILE B 114 -2.68 -16.57 -3.44
N PRO B 115 -2.77 -16.43 -4.78
CA PRO B 115 -4.07 -16.08 -5.38
C PRO B 115 -5.21 -17.11 -5.19
N ARG B 116 -6.42 -16.66 -5.46
CA ARG B 116 -7.62 -17.50 -5.41
C ARG B 116 -8.47 -17.17 -6.62
N PHE B 117 -8.81 -18.17 -7.44
CA PHE B 117 -9.64 -17.95 -8.63
C PHE B 117 -11.09 -17.64 -8.27
N THR B 118 -11.83 -17.07 -9.22
CA THR B 118 -13.24 -16.80 -9.03
C THR B 118 -14.09 -18.07 -9.17
N GLN B 119 -13.55 -19.08 -9.88
CA GLN B 119 -14.23 -20.38 -10.08
C GLN B 119 -13.19 -21.50 -10.19
N GLU B 120 -13.56 -22.72 -9.84
CA GLU B 120 -12.64 -23.86 -10.06
C GLU B 120 -12.77 -24.45 -11.47
N GLU B 121 -13.97 -24.36 -12.06
CA GLU B 121 -14.17 -24.69 -13.49
C GLU B 121 -14.69 -23.47 -14.22
N TYR B 122 -14.11 -23.18 -15.39
CA TYR B 122 -14.63 -22.15 -16.28
C TYR B 122 -15.11 -22.87 -17.55
N ARG B 123 -16.39 -22.74 -17.86
CA ARG B 123 -16.97 -23.38 -19.04
C ARG B 123 -17.45 -22.34 -20.04
N PRO B 124 -16.52 -21.78 -20.85
CA PRO B 124 -16.92 -20.78 -21.81
C PRO B 124 -17.72 -21.37 -23.00
N PRO B 125 -18.46 -20.52 -23.75
CA PRO B 125 -19.18 -20.99 -24.92
C PRO B 125 -18.25 -21.67 -25.95
N PRO B 126 -18.81 -22.60 -26.75
CA PRO B 126 -18.05 -23.46 -27.65
C PRO B 126 -17.44 -22.71 -28.82
N VAL B 127 -16.14 -22.86 -29.02
CA VAL B 127 -15.41 -22.11 -30.05
C VAL B 127 -15.45 -22.84 -31.41
N SER B 128 -15.93 -22.16 -32.45
CA SER B 128 -15.88 -22.69 -33.84
C SER B 128 -14.51 -23.24 -34.18
N GLU B 129 -14.47 -24.35 -34.89
CA GLU B 129 -13.21 -24.89 -35.39
C GLU B 129 -12.54 -23.90 -36.38
N LEU B 130 -13.34 -23.13 -37.12
CA LEU B 130 -12.80 -22.19 -38.13
C LEU B 130 -12.46 -20.81 -37.56
N ALA B 131 -12.55 -20.65 -36.25
CA ALA B 131 -12.21 -19.36 -35.59
C ALA B 131 -10.78 -18.94 -35.92
N ALA B 132 -10.59 -17.65 -36.20
CA ALA B 132 -9.28 -17.14 -36.57
C ALA B 132 -8.39 -17.00 -35.36
N ARG B 133 -7.08 -16.89 -35.61
CA ARG B 133 -6.13 -16.64 -34.52
C ARG B 133 -6.50 -15.35 -33.79
N GLY B 134 -6.36 -15.36 -32.47
CA GLY B 134 -6.69 -14.19 -31.65
C GLY B 134 -8.14 -14.11 -31.20
N THR B 135 -9.00 -14.99 -31.72
CA THR B 135 -10.40 -15.03 -31.31
C THR B 135 -10.48 -15.35 -29.81
N VAL B 136 -11.14 -14.48 -29.06
CA VAL B 136 -11.27 -14.70 -27.61
C VAL B 136 -12.11 -15.95 -27.35
N VAL B 137 -11.67 -16.74 -26.37
CA VAL B 137 -12.28 -18.05 -26.06
C VAL B 137 -13.04 -17.97 -24.74
N GLY B 138 -12.35 -17.44 -23.74
CA GLY B 138 -12.92 -17.17 -22.44
C GLY B 138 -11.98 -16.27 -21.66
N VAL B 139 -12.27 -16.09 -20.37
CA VAL B 139 -11.42 -15.27 -19.50
C VAL B 139 -11.44 -15.78 -18.05
N ILE B 140 -10.29 -15.73 -17.38
CA ILE B 140 -10.17 -16.20 -15.99
C ILE B 140 -9.75 -15.07 -15.03
N SER B 141 -10.22 -15.16 -13.80
CA SER B 141 -10.12 -14.06 -12.85
C SER B 141 -9.71 -14.52 -11.44
N ALA B 142 -8.75 -13.79 -10.85
CA ALA B 142 -8.19 -14.18 -9.55
C ALA B 142 -7.61 -12.99 -8.77
N ALA B 143 -7.98 -12.90 -7.49
CA ALA B 143 -7.50 -11.84 -6.59
C ALA B 143 -6.46 -12.35 -5.58
N ALA B 144 -5.76 -11.42 -4.95
CA ALA B 144 -4.76 -11.73 -3.92
C ALA B 144 -4.35 -10.45 -3.22
N ILE B 145 -4.21 -10.53 -1.89
CA ILE B 145 -4.03 -9.32 -1.07
C ILE B 145 -2.66 -8.68 -1.33
N ASN B 146 -2.65 -7.35 -1.46
CA ASN B 146 -1.47 -6.56 -1.92
C ASN B 146 -0.73 -7.21 -3.10
N GLN B 147 -1.47 -7.76 -4.07
CA GLN B 147 -0.83 -8.53 -5.15
C GLN B 147 -1.51 -8.40 -6.52
N SER B 148 -0.69 -8.09 -7.54
CA SER B 148 -1.13 -8.15 -8.91
C SER B 148 -0.86 -9.56 -9.42
N ILE B 149 -1.70 -10.02 -10.33
CA ILE B 149 -1.74 -11.42 -10.68
C ILE B 149 -1.27 -11.68 -12.09
N VAL B 150 -0.30 -12.59 -12.20
CA VAL B 150 0.14 -13.14 -13.47
C VAL B 150 -0.58 -14.45 -13.71
N TYR B 151 -1.19 -14.59 -14.88
CA TYR B 151 -1.87 -15.85 -15.23
C TYR B 151 -1.03 -16.70 -16.19
N SER B 152 -1.20 -18.02 -16.11
CA SER B 152 -0.50 -18.93 -17.02
C SER B 152 -1.30 -20.22 -17.26
N ILE B 153 -1.20 -20.77 -18.48
CA ILE B 153 -1.74 -22.10 -18.77
C ILE B 153 -0.62 -23.07 -18.52
N VAL B 154 -0.81 -24.00 -17.59
CA VAL B 154 0.28 -24.91 -17.14
C VAL B 154 0.16 -26.34 -17.65
N ALA B 155 -1.02 -26.75 -18.14
CA ALA B 155 -1.20 -28.10 -18.65
C ALA B 155 -2.44 -28.22 -19.53
N GLY B 156 -2.44 -29.24 -20.38
CA GLY B 156 -3.58 -29.53 -21.24
C GLY B 156 -3.60 -28.81 -22.57
N ASN B 157 -2.62 -27.95 -22.82
CA ASN B 157 -2.52 -27.23 -24.08
C ASN B 157 -1.24 -27.64 -24.81
N GLU B 158 -0.99 -28.95 -24.87
CA GLU B 158 0.23 -29.48 -25.49
C GLU B 158 0.29 -29.20 -26.99
N GLU B 159 -0.87 -28.96 -27.60
CA GLU B 159 -0.95 -28.71 -29.04
C GLU B 159 -0.68 -27.24 -29.42
N ASP B 160 -0.49 -26.37 -28.42
CA ASP B 160 -0.36 -24.90 -28.63
C ASP B 160 -1.54 -24.33 -29.41
N LYS B 161 -2.73 -24.89 -29.16
CA LYS B 161 -3.95 -24.43 -29.80
C LYS B 161 -4.46 -23.17 -29.13
N PHE B 162 -3.99 -22.93 -27.89
CA PHE B 162 -4.41 -21.77 -27.14
C PHE B 162 -3.26 -21.00 -26.54
N GLY B 163 -3.53 -19.73 -26.27
CA GLY B 163 -2.61 -18.85 -25.58
C GLY B 163 -3.42 -18.08 -24.56
N ILE B 164 -2.75 -17.39 -23.68
CA ILE B 164 -3.42 -16.59 -22.68
C ILE B 164 -2.68 -15.29 -22.50
N ASN B 165 -3.43 -14.21 -22.40
CA ASN B 165 -2.84 -12.94 -22.04
C ASN B 165 -2.45 -13.00 -20.54
N ASN B 166 -1.15 -13.07 -20.27
CA ASN B 166 -0.67 -13.36 -18.90
C ASN B 166 -1.03 -12.30 -17.84
N VAL B 167 -1.65 -11.19 -18.25
CA VAL B 167 -2.02 -10.15 -17.29
C VAL B 167 -3.54 -9.92 -17.21
N THR B 168 -4.24 -9.97 -18.33
CA THR B 168 -5.71 -9.85 -18.33
C THR B 168 -6.38 -11.19 -18.09
N GLY B 169 -5.61 -12.28 -18.12
CA GLY B 169 -6.16 -13.61 -17.96
C GLY B 169 -7.17 -14.01 -19.07
N VAL B 170 -7.02 -13.41 -20.25
CA VAL B 170 -7.90 -13.71 -21.39
C VAL B 170 -7.33 -14.82 -22.24
N ILE B 171 -8.01 -15.96 -22.27
CA ILE B 171 -7.57 -17.08 -23.09
C ILE B 171 -8.02 -16.88 -24.52
N TYR B 172 -7.12 -17.12 -25.47
CA TYR B 172 -7.39 -16.92 -26.90
C TYR B 172 -6.90 -18.07 -27.77
N VAL B 173 -7.35 -18.08 -29.03
CA VAL B 173 -6.98 -19.11 -30.01
C VAL B 173 -5.61 -18.80 -30.56
N ASN B 174 -4.68 -19.77 -30.50
CA ASN B 174 -3.32 -19.52 -30.99
C ASN B 174 -3.08 -20.17 -32.34
N SER B 175 -3.41 -21.46 -32.45
CA SER B 175 -3.31 -22.19 -33.70
C SER B 175 -4.70 -22.51 -34.23
N PRO B 176 -4.80 -22.95 -35.51
CA PRO B 176 -6.13 -23.19 -36.05
C PRO B 176 -6.68 -24.51 -35.55
N LEU B 177 -7.98 -24.51 -35.26
CA LEU B 177 -8.62 -25.65 -34.61
C LEU B 177 -9.31 -26.55 -35.62
N ASP B 178 -9.19 -27.85 -35.42
CA ASP B 178 -9.90 -28.80 -36.26
C ASP B 178 -10.74 -29.67 -35.37
N TYR B 179 -12.06 -29.58 -35.55
CA TYR B 179 -13.02 -30.37 -34.78
C TYR B 179 -12.77 -31.86 -34.96
N GLU B 180 -12.42 -32.27 -36.19
CA GLU B 180 -12.24 -33.68 -36.53
C GLU B 180 -11.00 -34.28 -35.87
N THR B 181 -9.99 -33.44 -35.61
CA THR B 181 -8.80 -33.87 -34.87
C THR B 181 -9.10 -33.98 -33.38
N ARG B 182 -9.78 -32.98 -32.85
CA ARG B 182 -10.04 -32.92 -31.40
C ARG B 182 -11.19 -31.98 -31.05
N THR B 183 -12.18 -32.51 -30.33
CA THR B 183 -13.44 -31.82 -30.07
C THR B 183 -13.48 -31.07 -28.74
N SER B 184 -12.50 -31.30 -27.87
CA SER B 184 -12.50 -30.59 -26.58
C SER B 184 -11.19 -30.72 -25.82
N TYR B 185 -10.98 -29.74 -24.97
CA TYR B 185 -9.75 -29.59 -24.22
C TYR B 185 -10.11 -29.26 -22.77
N VAL B 186 -9.18 -29.55 -21.88
CA VAL B 186 -9.28 -29.06 -20.51
C VAL B 186 -7.93 -28.50 -20.11
N LEU B 187 -7.91 -27.20 -19.89
CA LEU B 187 -6.69 -26.51 -19.57
C LEU B 187 -6.54 -26.42 -18.07
N ARG B 188 -5.31 -26.55 -17.62
CA ARG B 188 -4.97 -26.28 -16.25
C ARG B 188 -4.39 -24.90 -16.26
N VAL B 189 -4.93 -24.03 -15.42
CA VAL B 189 -4.47 -22.65 -15.38
C VAL B 189 -3.99 -22.33 -14.00
N GLN B 190 -3.20 -21.28 -13.91
CA GLN B 190 -2.53 -20.94 -12.68
C GLN B 190 -2.32 -19.44 -12.58
N ALA B 191 -2.85 -18.88 -11.49
CA ALA B 191 -2.57 -17.53 -11.09
C ALA B 191 -1.45 -17.56 -10.06
N ASP B 192 -0.38 -16.83 -10.34
CA ASP B 192 0.69 -16.63 -9.38
C ASP B 192 0.80 -15.14 -9.12
N SER B 193 1.16 -14.80 -7.89
CA SER B 193 1.39 -13.41 -7.55
C SER B 193 2.63 -12.91 -8.26
N LEU B 194 2.64 -11.63 -8.52
CA LEU B 194 3.71 -11.02 -9.28
C LEU B 194 5.00 -11.07 -8.47
N GLU B 195 4.89 -10.85 -7.16
CA GLU B 195 6.04 -10.93 -6.26
C GLU B 195 6.72 -12.30 -6.36
N VAL B 196 5.90 -13.34 -6.53
CA VAL B 196 6.39 -14.71 -6.73
C VAL B 196 7.03 -14.90 -8.10
N VAL B 197 6.35 -14.42 -9.15
CA VAL B 197 6.85 -14.56 -10.51
C VAL B 197 8.25 -13.93 -10.62
N LEU B 198 8.39 -12.72 -10.08
CA LEU B 198 9.67 -11.98 -10.07
C LEU B 198 10.84 -12.75 -9.46
N ALA B 199 10.57 -13.53 -8.41
CA ALA B 199 11.60 -14.38 -7.82
C ALA B 199 11.81 -15.72 -8.58
N ASN B 200 11.28 -15.82 -9.82
CA ASN B 200 11.46 -17.02 -10.65
C ASN B 200 10.86 -18.25 -9.98
N LEU B 201 9.67 -18.11 -9.39
CA LEU B 201 9.02 -19.21 -8.65
C LEU B 201 7.58 -19.39 -9.05
N ARG B 202 7.08 -20.61 -8.89
CA ARG B 202 5.65 -20.91 -9.04
C ARG B 202 5.23 -21.72 -7.82
N VAL B 203 4.08 -21.39 -7.24
CA VAL B 203 3.65 -22.03 -6.01
C VAL B 203 2.19 -22.46 -6.14
N PRO B 204 1.98 -23.71 -6.62
CA PRO B 204 0.62 -24.18 -6.80
C PRO B 204 -0.04 -24.59 -5.47
N SER B 205 -1.36 -24.44 -5.41
CA SER B 205 -2.17 -24.88 -4.28
C SER B 205 -3.59 -25.04 -4.81
N LYS B 206 -4.51 -25.46 -3.97
CA LYS B 206 -5.86 -25.79 -4.45
C LYS B 206 -6.60 -24.57 -5.01
N SER B 207 -6.36 -23.41 -4.42
CA SER B 207 -7.13 -22.22 -4.74
C SER B 207 -6.53 -21.36 -5.86
N ASN B 208 -5.27 -21.58 -6.23
CA ASN B 208 -4.68 -20.80 -7.33
C ASN B 208 -4.48 -21.65 -8.58
N THR B 209 -5.33 -22.66 -8.73
CA THR B 209 -5.36 -23.49 -9.93
C THR B 209 -6.81 -23.82 -10.23
N ALA B 210 -7.17 -23.73 -11.50
CA ALA B 210 -8.52 -23.99 -11.93
C ALA B 210 -8.50 -24.66 -13.29
N LYS B 211 -9.67 -25.15 -13.72
CA LYS B 211 -9.81 -25.88 -14.98
C LYS B 211 -10.65 -25.09 -15.97
N VAL B 212 -10.27 -25.13 -17.24
CA VAL B 212 -11.07 -24.54 -18.31
C VAL B 212 -11.49 -25.59 -19.34
N TYR B 213 -12.80 -25.84 -19.43
CA TYR B 213 -13.37 -26.77 -20.40
C TYR B 213 -13.75 -26.02 -21.67
N ILE B 214 -12.96 -26.23 -22.71
CA ILE B 214 -13.21 -25.67 -24.03
C ILE B 214 -13.86 -26.73 -24.91
N GLU B 215 -14.88 -26.33 -25.64
CA GLU B 215 -15.57 -27.23 -26.57
C GLU B 215 -15.41 -26.69 -27.98
N ILE B 216 -15.00 -27.57 -28.90
CA ILE B 216 -14.84 -27.18 -30.30
C ILE B 216 -16.16 -27.35 -31.03
N GLN B 217 -16.52 -26.35 -31.84
CA GLN B 217 -17.75 -26.38 -32.60
C GLN B 217 -17.45 -26.76 -34.06
N ASP B 218 -18.08 -27.84 -34.51
CA ASP B 218 -17.87 -28.36 -35.86
C ASP B 218 -18.52 -27.49 -36.89
N GLU B 219 -17.79 -27.22 -37.97
CA GLU B 219 -18.33 -26.49 -39.09
C GLU B 219 -18.28 -27.40 -40.30
N ASN B 220 -19.07 -27.05 -41.32
CA ASN B 220 -19.20 -27.89 -42.51
C ASN B 220 -18.07 -27.66 -43.46
N ASP B 221 -16.96 -28.37 -43.24
CA ASP B 221 -15.75 -28.20 -44.03
C ASP B 221 -15.21 -29.59 -44.41
N HIS B 222 -14.03 -29.63 -45.00
CA HIS B 222 -13.54 -30.87 -45.57
C HIS B 222 -12.98 -31.81 -44.52
N PRO B 223 -13.59 -32.97 -44.36
CA PRO B 223 -13.20 -33.89 -43.31
C PRO B 223 -11.87 -34.60 -43.64
N PRO B 224 -10.98 -34.76 -42.63
CA PRO B 224 -9.86 -35.65 -42.89
C PRO B 224 -10.43 -37.02 -43.01
N VAL B 225 -9.92 -37.80 -43.92
CA VAL B 225 -10.39 -39.15 -44.08
C VAL B 225 -9.29 -40.09 -43.60
N PHE B 226 -8.98 -41.13 -44.37
CA PHE B 226 -8.03 -42.12 -43.94
C PHE B 226 -6.63 -41.54 -43.84
N LEU B 227 -5.81 -42.16 -43.03
CA LEU B 227 -4.51 -41.58 -42.72
C LEU B 227 -3.34 -42.42 -43.20
N GLU B 228 -3.00 -43.45 -42.44
CA GLU B 228 -1.74 -44.13 -42.61
C GLU B 228 -1.78 -45.11 -43.78
N MET C 1 -13.52 41.89 -47.57
CA MET C 1 -14.45 40.80 -47.15
C MET C 1 -13.83 40.02 -45.99
N ASN C 2 -14.68 39.32 -45.21
CA ASN C 2 -14.21 38.22 -44.35
C ASN C 2 -14.78 36.91 -44.91
N ASP C 3 -13.95 36.16 -45.66
CA ASP C 3 -14.42 34.94 -46.36
C ASP C 3 -13.59 33.66 -46.09
N TYR C 4 -12.72 33.67 -45.06
CA TYR C 4 -11.98 32.46 -44.63
C TYR C 4 -12.17 32.23 -43.14
N PRO C 5 -12.52 30.99 -42.73
CA PRO C 5 -12.66 30.72 -41.30
C PRO C 5 -11.32 30.37 -40.66
N PRO C 6 -11.25 30.31 -39.32
CA PRO C 6 -10.08 29.73 -38.65
C PRO C 6 -9.97 28.24 -39.00
N VAL C 7 -8.75 27.75 -39.17
CA VAL C 7 -8.50 26.35 -39.55
C VAL C 7 -7.52 25.74 -38.55
N PHE C 8 -8.01 24.85 -37.69
CA PHE C 8 -7.18 24.23 -36.64
C PHE C 8 -5.98 23.50 -37.23
N SER C 9 -4.85 23.57 -36.54
CA SER C 9 -3.64 22.89 -36.96
C SER C 9 -3.89 21.37 -37.00
N LYS C 10 -4.66 20.86 -36.04
CA LYS C 10 -5.03 19.44 -35.97
C LYS C 10 -6.55 19.25 -35.88
N ARG C 11 -7.02 18.11 -36.40
CA ARG C 11 -8.44 17.76 -36.32
C ARG C 11 -8.76 17.20 -34.94
N ILE C 12 -7.81 16.43 -34.38
CA ILE C 12 -7.94 15.85 -33.03
C ILE C 12 -6.65 16.00 -32.21
N TYR C 13 -6.74 16.73 -31.09
CA TYR C 13 -5.61 16.91 -30.17
C TYR C 13 -5.70 15.88 -29.06
N LYS C 14 -4.56 15.52 -28.48
CA LYS C 14 -4.51 14.69 -27.26
C LYS C 14 -3.98 15.55 -26.08
N GLY C 15 -4.13 15.04 -24.87
CA GLY C 15 -3.67 15.75 -23.67
C GLY C 15 -3.94 14.95 -22.41
N MET C 16 -3.14 15.19 -21.38
CA MET C 16 -3.30 14.49 -20.09
C MET C 16 -3.66 15.43 -18.96
N VAL C 17 -4.27 14.89 -17.92
CA VAL C 17 -4.62 15.66 -16.72
C VAL C 17 -4.70 14.75 -15.50
N ALA C 18 -4.14 15.19 -14.37
CA ALA C 18 -4.25 14.43 -13.12
C ALA C 18 -5.73 14.29 -12.74
N PRO C 19 -6.09 13.18 -12.09
CA PRO C 19 -7.49 12.98 -11.68
C PRO C 19 -7.95 13.89 -10.51
N ASP C 20 -7.02 14.51 -9.78
CA ASP C 20 -7.35 15.44 -8.70
C ASP C 20 -6.87 16.88 -9.00
N ALA C 21 -6.59 17.15 -10.27
CA ALA C 21 -5.97 18.40 -10.70
C ALA C 21 -6.69 19.63 -10.20
N VAL C 22 -5.90 20.61 -9.75
CA VAL C 22 -6.43 21.89 -9.28
C VAL C 22 -7.06 22.67 -10.43
N LYS C 23 -7.72 23.78 -10.10
CA LYS C 23 -8.32 24.63 -11.11
C LYS C 23 -7.24 25.38 -11.87
N GLY C 24 -7.38 25.42 -13.18
CA GLY C 24 -6.43 26.11 -14.04
C GLY C 24 -5.14 25.34 -14.25
N THR C 25 -5.19 24.00 -14.17
CA THR C 25 -4.03 23.16 -14.50
C THR C 25 -3.97 23.04 -16.03
N PRO C 26 -2.80 23.36 -16.64
CA PRO C 26 -2.67 23.31 -18.11
C PRO C 26 -2.64 21.89 -18.66
N ILE C 27 -3.43 21.63 -19.68
CA ILE C 27 -3.54 20.30 -20.27
C ILE C 27 -2.84 20.25 -21.62
N THR C 28 -3.25 21.14 -22.52
CA THR C 28 -2.59 21.28 -23.82
C THR C 28 -2.96 22.62 -24.48
N THR C 29 -2.19 23.01 -25.49
CA THR C 29 -2.51 24.17 -26.31
C THR C 29 -3.06 23.70 -27.65
N VAL C 30 -4.18 24.28 -28.07
CA VAL C 30 -4.67 24.06 -29.43
C VAL C 30 -4.26 25.27 -30.26
N TYR C 31 -4.53 25.21 -31.56
CA TYR C 31 -4.06 26.26 -32.46
C TYR C 31 -4.84 26.27 -33.77
N ALA C 32 -5.11 27.46 -34.27
CA ALA C 32 -5.80 27.63 -35.55
C ALA C 32 -5.39 28.96 -36.18
N GLU C 33 -5.28 28.97 -37.52
CA GLU C 33 -4.92 30.19 -38.27
C GLU C 33 -6.02 30.58 -39.26
N ASP C 34 -5.98 31.85 -39.66
CA ASP C 34 -7.03 32.45 -40.48
C ASP C 34 -6.43 33.07 -41.76
N ALA C 35 -6.94 32.65 -42.91
CA ALA C 35 -6.33 33.00 -44.21
C ALA C 35 -6.63 34.44 -44.71
N ASP C 36 -7.48 35.19 -44.00
CA ASP C 36 -7.74 36.59 -44.37
C ASP C 36 -6.53 37.49 -44.06
N PRO C 37 -6.40 38.63 -44.77
CA PRO C 37 -5.31 39.58 -44.56
C PRO C 37 -4.95 39.80 -43.07
N PRO C 38 -3.65 39.69 -42.71
CA PRO C 38 -3.20 39.70 -41.32
C PRO C 38 -3.33 41.07 -40.62
N GLY C 39 -3.31 41.06 -39.29
CA GLY C 39 -3.41 42.28 -38.49
C GLY C 39 -4.82 42.80 -38.24
N MET C 40 -5.81 42.23 -38.93
CA MET C 40 -7.20 42.75 -38.91
C MET C 40 -8.13 41.81 -38.12
N PRO C 41 -9.38 42.29 -37.81
CA PRO C 41 -10.40 41.45 -37.16
C PRO C 41 -10.71 40.12 -37.90
N ALA C 42 -10.99 40.23 -39.20
CA ALA C 42 -11.30 39.06 -40.05
C ALA C 42 -10.38 37.85 -39.82
N SER C 43 -9.11 38.11 -39.48
CA SER C 43 -8.15 37.05 -39.16
C SER C 43 -7.63 37.16 -37.72
N ARG C 44 -8.53 37.48 -36.79
CA ARG C 44 -8.21 37.63 -35.35
C ARG C 44 -8.97 36.54 -34.58
N VAL C 45 -8.28 35.42 -34.34
CA VAL C 45 -8.92 34.18 -33.87
C VAL C 45 -8.98 34.05 -32.34
N ARG C 46 -10.20 34.03 -31.80
CA ARG C 46 -10.46 33.75 -30.39
C ARG C 46 -10.89 32.29 -30.26
N TYR C 47 -10.63 31.71 -29.08
CA TYR C 47 -10.97 30.30 -28.80
C TYR C 47 -12.05 30.16 -27.71
N ARG C 48 -12.90 29.14 -27.86
CA ARG C 48 -14.03 28.89 -26.96
C ARG C 48 -14.34 27.39 -26.92
N VAL C 49 -14.99 26.94 -25.83
CA VAL C 49 -15.44 25.53 -25.69
C VAL C 49 -16.86 25.36 -26.21
N ASP C 50 -17.32 24.11 -26.31
CA ASP C 50 -18.70 23.87 -26.75
C ASP C 50 -19.33 22.70 -26.01
N ASP C 51 -20.65 22.76 -25.87
CA ASP C 51 -21.41 21.84 -25.02
C ASP C 51 -22.66 21.27 -25.72
N VAL C 52 -22.59 21.10 -27.04
CA VAL C 52 -23.70 20.51 -27.76
C VAL C 52 -23.73 19.01 -27.46
N GLN C 53 -22.70 18.32 -27.95
CA GLN C 53 -22.63 16.86 -27.85
C GLN C 53 -21.96 16.41 -26.55
N PHE C 54 -21.03 17.20 -26.03
CA PHE C 54 -20.26 16.84 -24.83
C PHE C 54 -20.29 17.97 -23.84
N PRO C 55 -21.40 18.07 -23.07
CA PRO C 55 -21.54 19.16 -22.11
C PRO C 55 -20.76 18.93 -20.81
N TYR C 56 -20.51 17.68 -20.43
CA TYR C 56 -19.80 17.43 -19.18
C TYR C 56 -18.31 17.80 -19.28
N PRO C 57 -17.63 17.36 -20.34
CA PRO C 57 -16.25 17.84 -20.50
C PRO C 57 -16.18 19.37 -20.43
N ALA C 58 -17.15 20.03 -21.05
CA ALA C 58 -17.26 21.49 -21.03
C ALA C 58 -17.47 22.02 -19.62
N SER C 59 -18.15 21.26 -18.77
CA SER C 59 -18.39 21.66 -17.39
C SER C 59 -17.10 21.67 -16.53
N ILE C 60 -16.09 20.89 -16.93
CA ILE C 60 -14.85 20.76 -16.13
C ILE C 60 -13.58 21.26 -16.83
N PHE C 61 -13.66 21.50 -18.14
CA PHE C 61 -12.53 22.07 -18.89
C PHE C 61 -12.94 23.35 -19.57
N ASP C 62 -11.95 24.20 -19.81
CA ASP C 62 -12.16 25.47 -20.51
C ASP C 62 -10.89 25.80 -21.30
N VAL C 63 -11.06 26.44 -22.45
CA VAL C 63 -9.92 26.91 -23.25
C VAL C 63 -9.78 28.41 -23.06
N GLU C 64 -8.54 28.90 -22.95
CA GLU C 64 -8.28 30.34 -22.83
C GLU C 64 -8.57 31.01 -24.18
N GLU C 65 -9.13 32.22 -24.14
CA GLU C 65 -9.66 32.87 -25.33
C GLU C 65 -8.55 33.23 -26.33
N ASP C 66 -7.44 33.77 -25.81
CA ASP C 66 -6.38 34.34 -26.67
C ASP C 66 -5.16 33.45 -26.86
N SER C 67 -4.81 32.66 -25.85
CA SER C 67 -3.63 31.78 -25.94
C SER C 67 -3.96 30.42 -26.56
N GLY C 68 -5.16 29.92 -26.27
CA GLY C 68 -5.58 28.60 -26.77
C GLY C 68 -5.22 27.42 -25.87
N ARG C 69 -4.67 27.71 -24.68
CA ARG C 69 -4.37 26.65 -23.71
C ARG C 69 -5.64 26.08 -23.11
N VAL C 70 -5.75 24.75 -23.13
CA VAL C 70 -6.86 24.04 -22.52
C VAL C 70 -6.49 23.76 -21.07
N VAL C 71 -7.42 24.02 -20.16
CA VAL C 71 -7.17 23.96 -18.73
C VAL C 71 -8.39 23.46 -17.96
N THR C 72 -8.18 23.17 -16.68
CA THR C 72 -9.26 22.76 -15.80
C THR C 72 -10.08 24.00 -15.40
N ARG C 73 -11.38 23.92 -15.63
CA ARG C 73 -12.32 24.95 -15.21
C ARG C 73 -12.53 24.87 -13.70
N VAL C 74 -12.36 23.67 -13.14
CA VAL C 74 -12.62 23.38 -11.72
C VAL C 74 -11.54 22.49 -11.12
N ASN C 75 -11.43 22.49 -9.80
CA ASN C 75 -10.63 21.46 -9.13
C ASN C 75 -11.29 20.12 -9.44
N LEU C 76 -10.55 19.22 -10.06
CA LEU C 76 -11.10 17.96 -10.54
C LEU C 76 -11.20 16.90 -9.48
N ASN C 77 -12.14 15.98 -9.68
CA ASN C 77 -12.19 14.73 -8.95
C ASN C 77 -12.79 13.66 -9.88
N GLU C 78 -12.04 13.30 -10.92
CA GLU C 78 -12.48 12.29 -11.88
C GLU C 78 -11.64 11.05 -11.69
N GLU C 79 -12.07 9.93 -12.27
CA GLU C 79 -11.40 8.63 -12.10
C GLU C 79 -10.34 8.40 -13.17
N PRO C 80 -9.18 7.79 -12.80
CA PRO C 80 -8.12 7.48 -13.76
C PRO C 80 -8.57 6.64 -14.98
N THR C 81 -7.75 6.64 -16.03
CA THR C 81 -7.99 5.91 -17.30
C THR C 81 -9.19 6.45 -18.14
N THR C 82 -9.94 7.43 -17.62
CA THR C 82 -11.10 7.97 -18.34
C THR C 82 -10.64 8.85 -19.51
N ILE C 83 -11.42 8.87 -20.59
CA ILE C 83 -11.11 9.74 -21.72
C ILE C 83 -12.31 10.63 -22.05
N PHE C 84 -12.10 11.94 -22.05
CA PHE C 84 -13.15 12.90 -22.37
C PHE C 84 -12.96 13.48 -23.77
N LYS C 85 -14.07 13.80 -24.43
CA LYS C 85 -14.03 14.51 -25.71
C LYS C 85 -14.47 15.96 -25.51
N LEU C 86 -13.49 16.85 -25.34
CA LEU C 86 -13.76 18.29 -25.24
C LEU C 86 -13.79 18.89 -26.64
N VAL C 87 -14.81 19.72 -26.90
CA VAL C 87 -15.02 20.32 -28.24
C VAL C 87 -14.66 21.80 -28.22
N VAL C 88 -13.63 22.18 -28.98
CA VAL C 88 -13.18 23.58 -29.03
C VAL C 88 -13.52 24.26 -30.35
N VAL C 89 -14.02 25.48 -30.27
CA VAL C 89 -14.36 26.29 -31.44
C VAL C 89 -13.49 27.54 -31.46
N ALA C 90 -12.79 27.73 -32.58
CA ALA C 90 -12.01 28.94 -32.84
C ALA C 90 -12.80 29.81 -33.80
N PHE C 91 -13.00 31.08 -33.43
CA PHE C 91 -13.79 32.03 -34.24
C PHE C 91 -13.07 33.38 -34.41
N ASP C 92 -13.27 34.02 -35.56
CA ASP C 92 -12.62 35.31 -35.85
C ASP C 92 -13.48 36.51 -35.36
N ASP C 93 -12.98 37.73 -35.58
CA ASP C 93 -13.71 38.97 -35.25
C ASP C 93 -14.22 39.62 -36.55
N GLY C 94 -14.48 38.81 -37.56
CA GLY C 94 -14.84 39.32 -38.86
C GLY C 94 -16.31 39.67 -38.99
N GLU C 95 -16.71 39.95 -40.22
CA GLU C 95 -18.07 40.31 -40.54
C GLU C 95 -18.42 39.76 -41.94
N PRO C 96 -19.21 38.68 -42.01
CA PRO C 96 -19.75 37.97 -40.83
C PRO C 96 -18.68 37.16 -40.08
N VAL C 97 -18.92 36.90 -38.80
CA VAL C 97 -17.98 36.12 -37.96
C VAL C 97 -17.99 34.63 -38.38
N MET C 98 -16.84 34.12 -38.81
CA MET C 98 -16.69 32.70 -39.19
C MET C 98 -16.01 31.91 -38.07
N SER C 99 -16.05 30.56 -38.17
CA SER C 99 -15.41 29.68 -37.18
C SER C 99 -15.21 28.24 -37.72
N SER C 100 -14.59 27.40 -36.89
CA SER C 100 -14.48 25.95 -37.13
C SER C 100 -14.23 25.29 -35.80
N SER C 101 -14.54 24.01 -35.66
CA SER C 101 -14.35 23.29 -34.39
C SER C 101 -13.28 22.20 -34.46
N ALA C 102 -12.93 21.65 -33.31
CA ALA C 102 -11.99 20.52 -33.21
C ALA C 102 -12.13 19.83 -31.85
N THR C 103 -11.56 18.63 -31.72
CA THR C 103 -11.71 17.82 -30.50
C THR C 103 -10.40 17.64 -29.77
N VAL C 104 -10.45 17.70 -28.44
CA VAL C 104 -9.30 17.43 -27.60
C VAL C 104 -9.61 16.23 -26.74
N ARG C 105 -9.01 15.10 -27.06
CA ARG C 105 -9.19 13.87 -26.29
C ARG C 105 -8.26 13.94 -25.08
N ILE C 106 -8.85 14.01 -23.90
CA ILE C 106 -8.08 14.17 -22.67
C ILE C 106 -8.10 12.90 -21.84
N LEU C 107 -6.91 12.48 -21.40
CA LEU C 107 -6.74 11.29 -20.57
C LEU C 107 -6.56 11.68 -19.10
N VAL C 108 -7.40 11.10 -18.24
CA VAL C 108 -7.31 11.33 -16.81
C VAL C 108 -6.30 10.36 -16.22
N LEU C 109 -5.14 10.87 -15.80
CA LEU C 109 -4.05 10.03 -15.28
C LEU C 109 -3.04 10.84 -14.46
N HIS C 110 -2.47 10.20 -13.44
CA HIS C 110 -1.43 10.81 -12.63
C HIS C 110 -0.08 10.70 -13.32
N PRO C 111 0.68 11.81 -13.34
CA PRO C 111 2.04 11.77 -13.89
C PRO C 111 2.98 10.91 -13.05
N GLY C 112 2.90 11.03 -11.72
CA GLY C 112 3.78 10.29 -10.82
C GLY C 112 3.59 8.76 -10.83
N GLU C 113 2.45 8.30 -11.37
CA GLU C 113 2.16 6.87 -11.48
C GLU C 113 2.66 6.27 -12.82
N ILE C 114 3.22 7.11 -13.70
CA ILE C 114 3.95 6.62 -14.87
C ILE C 114 5.30 6.10 -14.42
N PRO C 115 5.71 4.91 -14.92
CA PRO C 115 6.96 4.33 -14.42
C PRO C 115 8.24 5.12 -14.72
N ARG C 116 9.31 4.76 -14.02
CA ARG C 116 10.63 5.32 -14.22
C ARG C 116 11.65 4.19 -14.20
N PHE C 117 12.46 4.07 -15.26
CA PHE C 117 13.47 3.01 -15.34
C PHE C 117 14.62 3.26 -14.37
N THR C 118 15.37 2.19 -14.07
CA THR C 118 16.54 2.32 -13.21
C THR C 118 17.74 2.92 -13.95
N GLN C 119 17.73 2.83 -15.29
CA GLN C 119 18.79 3.39 -16.14
C GLN C 119 18.20 3.83 -17.49
N GLU C 120 18.82 4.79 -18.16
CA GLU C 120 18.37 5.16 -19.51
C GLU C 120 19.02 4.27 -20.59
N GLU C 121 20.25 3.79 -20.33
CA GLU C 121 20.90 2.78 -21.18
C GLU C 121 21.20 1.54 -20.35
N TYR C 122 20.88 0.37 -20.90
CA TYR C 122 21.27 -0.90 -20.30
C TYR C 122 22.24 -1.57 -21.26
N ARG C 123 23.46 -1.84 -20.79
CA ARG C 123 24.48 -2.47 -21.62
C ARG C 123 24.85 -3.85 -21.08
N PRO C 124 24.03 -4.86 -21.39
CA PRO C 124 24.30 -6.20 -20.87
C PRO C 124 25.52 -6.87 -21.57
N PRO C 125 26.08 -7.91 -20.92
CA PRO C 125 27.19 -8.64 -21.55
C PRO C 125 26.82 -9.20 -22.92
N PRO C 126 27.84 -9.40 -23.80
CA PRO C 126 27.63 -9.77 -25.20
C PRO C 126 27.11 -11.18 -25.38
N VAL C 127 26.02 -11.31 -26.12
CA VAL C 127 25.35 -12.60 -26.31
C VAL C 127 25.93 -13.38 -27.51
N SER C 128 26.39 -14.61 -27.25
CA SER C 128 26.83 -15.53 -28.33
C SER C 128 25.85 -15.57 -29.48
N GLU C 129 26.38 -15.58 -30.71
CA GLU C 129 25.53 -15.74 -31.87
C GLU C 129 24.82 -17.12 -31.86
N LEU C 130 25.46 -18.15 -31.29
CA LEU C 130 24.90 -19.50 -31.28
C LEU C 130 23.98 -19.79 -30.09
N ALA C 131 23.66 -18.75 -29.31
CA ALA C 131 22.76 -18.89 -28.16
C ALA C 131 21.41 -19.50 -28.56
N ALA C 132 20.91 -20.41 -27.74
CA ALA C 132 19.63 -21.06 -28.02
C ALA C 132 18.48 -20.13 -27.70
N ARG C 133 17.29 -20.45 -28.22
CA ARG C 133 16.09 -19.69 -27.90
C ARG C 133 15.86 -19.69 -26.38
N GLY C 134 15.44 -18.54 -25.84
CA GLY C 134 15.18 -18.41 -24.41
C GLY C 134 16.40 -18.05 -23.56
N THR C 135 17.58 -18.01 -24.17
CA THR C 135 18.79 -17.61 -23.47
C THR C 135 18.64 -16.18 -22.97
N VAL C 136 18.81 -15.97 -21.67
CA VAL C 136 18.70 -14.62 -21.10
C VAL C 136 19.79 -13.71 -21.67
N VAL C 137 19.39 -12.48 -21.99
CA VAL C 137 20.26 -11.50 -22.62
C VAL C 137 20.63 -10.39 -21.65
N GLY C 138 19.58 -9.85 -21.03
CA GLY C 138 19.72 -8.89 -19.96
C GLY C 138 18.38 -8.77 -19.24
N VAL C 139 18.29 -7.78 -18.36
CA VAL C 139 17.04 -7.50 -17.64
C VAL C 139 16.88 -6.00 -17.35
N ILE C 140 15.63 -5.53 -17.46
CA ILE C 140 15.33 -4.10 -17.21
C ILE C 140 14.36 -3.92 -16.03
N SER C 141 14.50 -2.79 -15.33
CA SER C 141 13.84 -2.60 -14.06
C SER C 141 13.24 -1.19 -13.93
N ALA C 142 11.99 -1.14 -13.46
CA ALA C 142 11.25 0.11 -13.36
C ALA C 142 10.18 0.09 -12.26
N ALA C 143 10.17 1.13 -11.43
CA ALA C 143 9.19 1.30 -10.34
C ALA C 143 8.13 2.35 -10.66
N ALA C 144 7.05 2.31 -9.90
CA ALA C 144 5.93 3.25 -10.03
C ALA C 144 5.01 3.08 -8.83
N ILE C 145 4.53 4.19 -8.28
CA ILE C 145 3.85 4.18 -6.99
C ILE C 145 2.48 3.50 -7.11
N ASN C 146 2.16 2.63 -6.11
CA ASN C 146 0.97 1.73 -6.15
C ASN C 146 0.76 1.07 -7.53
N GLN C 147 1.84 0.63 -8.17
CA GLN C 147 1.75 0.11 -9.54
C GLN C 147 2.71 -1.04 -9.83
N SER C 148 2.16 -2.12 -10.38
CA SER C 148 2.95 -3.19 -10.95
C SER C 148 3.21 -2.83 -12.40
N ILE C 149 4.35 -3.27 -12.91
CA ILE C 149 4.83 -2.76 -14.18
C ILE C 149 4.84 -3.82 -15.25
N VAL C 150 4.25 -3.48 -16.38
CA VAL C 150 4.32 -4.26 -17.61
C VAL C 150 5.41 -3.70 -18.48
N TYR C 151 6.31 -4.55 -18.93
CA TYR C 151 7.39 -4.12 -19.83
C TYR C 151 7.09 -4.51 -21.30
N SER C 152 7.61 -3.73 -22.25
CA SER C 152 7.45 -4.05 -23.66
C SER C 152 8.62 -3.50 -24.51
N ILE C 153 9.00 -4.22 -25.55
CA ILE C 153 9.97 -3.73 -26.52
C ILE C 153 9.20 -3.05 -27.62
N VAL C 154 9.45 -1.76 -27.82
CA VAL C 154 8.62 -0.94 -28.75
C VAL C 154 9.30 -0.60 -30.08
N ALA C 155 10.62 -0.75 -30.16
CA ALA C 155 11.34 -0.45 -31.40
C ALA C 155 12.72 -1.08 -31.42
N GLY C 156 13.25 -1.26 -32.63
CA GLY C 156 14.61 -1.75 -32.80
C GLY C 156 14.75 -3.27 -32.85
N ASN C 157 13.64 -3.96 -32.72
CA ASN C 157 13.62 -5.42 -32.80
C ASN C 157 12.78 -5.86 -33.99
N GLU C 158 13.00 -5.21 -35.14
CA GLU C 158 12.22 -5.50 -36.36
C GLU C 158 12.43 -6.94 -36.86
N GLU C 159 13.57 -7.53 -36.48
CA GLU C 159 13.98 -8.83 -36.95
C GLU C 159 13.38 -9.97 -36.09
N ASP C 160 12.65 -9.62 -35.02
CA ASP C 160 12.13 -10.59 -34.03
C ASP C 160 13.24 -11.47 -33.45
N LYS C 161 14.44 -10.90 -33.29
CA LYS C 161 15.57 -11.62 -32.74
C LYS C 161 15.46 -11.70 -31.22
N PHE C 162 14.65 -10.80 -30.65
CA PHE C 162 14.49 -10.76 -29.21
C PHE C 162 13.04 -10.73 -28.76
N GLY C 163 12.83 -11.15 -27.52
CA GLY C 163 11.56 -11.05 -26.85
C GLY C 163 11.81 -10.58 -25.46
N ILE C 164 10.76 -10.24 -24.75
CA ILE C 164 10.88 -9.83 -23.37
C ILE C 164 9.76 -10.42 -22.55
N ASN C 165 10.10 -10.89 -21.37
CA ASN C 165 9.09 -11.33 -20.43
C ASN C 165 8.39 -10.06 -19.89
N ASN C 166 7.14 -9.87 -20.30
CA ASN C 166 6.45 -8.60 -20.06
C ASN C 166 6.20 -8.27 -18.59
N VAL C 167 6.55 -9.17 -17.67
CA VAL C 167 6.33 -8.93 -16.24
C VAL C 167 7.64 -8.88 -15.45
N THR C 168 8.59 -9.77 -15.76
CA THR C 168 9.90 -9.75 -15.08
C THR C 168 10.86 -8.78 -15.74
N GLY C 169 10.49 -8.28 -16.92
CA GLY C 169 11.36 -7.37 -17.67
C GLY C 169 12.66 -8.02 -18.13
N VAL C 170 12.64 -9.35 -18.28
CA VAL C 170 13.82 -10.10 -18.71
C VAL C 170 13.81 -10.24 -20.22
N ILE C 171 14.81 -9.63 -20.87
CA ILE C 171 14.93 -9.72 -22.31
C ILE C 171 15.63 -11.02 -22.66
N TYR C 172 15.10 -11.72 -23.67
CA TYR C 172 15.62 -13.03 -24.08
C TYR C 172 15.77 -13.16 -25.61
N VAL C 173 16.49 -14.21 -26.02
CA VAL C 173 16.72 -14.49 -27.44
C VAL C 173 15.49 -15.19 -28.02
N ASN C 174 14.95 -14.66 -29.11
CA ASN C 174 13.75 -15.25 -29.70
C ASN C 174 14.06 -16.07 -30.94
N SER C 175 14.79 -15.46 -31.87
CA SER C 175 15.26 -16.14 -33.08
C SER C 175 16.76 -16.36 -33.01
N PRO C 176 17.33 -17.17 -33.92
CA PRO C 176 18.76 -17.44 -33.84
C PRO C 176 19.54 -16.27 -34.40
N LEU C 177 20.65 -15.97 -33.74
CA LEU C 177 21.45 -14.78 -34.04
C LEU C 177 22.63 -15.15 -34.93
N ASP C 178 22.91 -14.31 -35.92
CA ASP C 178 24.08 -14.50 -36.75
C ASP C 178 24.95 -13.26 -36.64
N TYR C 179 26.15 -13.44 -36.10
CA TYR C 179 27.11 -12.35 -35.95
C TYR C 179 27.46 -11.72 -37.29
N GLU C 180 27.58 -12.56 -38.32
CA GLU C 180 28.00 -12.12 -39.65
C GLU C 180 26.91 -11.26 -40.33
N THR C 181 25.65 -11.50 -39.99
CA THR C 181 24.54 -10.69 -40.48
C THR C 181 24.50 -9.36 -39.75
N ARG C 182 24.63 -9.41 -38.43
CA ARG C 182 24.49 -8.21 -37.61
C ARG C 182 25.12 -8.36 -36.23
N THR C 183 26.02 -7.44 -35.90
CA THR C 183 26.85 -7.55 -34.67
C THR C 183 26.27 -6.82 -33.47
N SER C 184 25.25 -5.99 -33.65
CA SER C 184 24.64 -5.29 -32.53
C SER C 184 23.30 -4.64 -32.84
N TYR C 185 22.54 -4.44 -31.76
CA TYR C 185 21.18 -3.97 -31.81
C TYR C 185 20.98 -2.92 -30.74
N VAL C 186 19.97 -2.07 -30.91
CA VAL C 186 19.55 -1.17 -29.85
C VAL C 186 18.04 -1.18 -29.75
N LEU C 187 17.55 -1.67 -28.63
CA LEU C 187 16.13 -1.78 -28.42
C LEU C 187 15.59 -0.57 -27.71
N ARG C 188 14.39 -0.18 -28.09
CA ARG C 188 13.64 0.80 -27.35
C ARG C 188 12.69 0.02 -26.49
N VAL C 189 12.69 0.29 -25.20
CA VAL C 189 11.83 -0.44 -24.28
C VAL C 189 10.93 0.51 -23.55
N GLN C 190 9.87 -0.03 -22.99
CA GLN C 190 8.86 0.79 -22.38
C GLN C 190 8.18 0.06 -21.22
N ALA C 191 8.22 0.70 -20.07
CA ALA C 191 7.47 0.28 -18.91
C ALA C 191 6.18 1.09 -18.85
N ASP C 192 5.06 0.39 -18.81
CA ASP C 192 3.76 1.01 -18.58
C ASP C 192 3.15 0.39 -17.33
N SER C 193 2.38 1.16 -16.59
CA SER C 193 1.71 0.63 -15.40
C SER C 193 0.63 -0.33 -15.85
N LEU C 194 0.34 -1.27 -14.98
CA LEU C 194 -0.61 -2.33 -15.27
C LEU C 194 -2.00 -1.72 -15.44
N GLU C 195 -2.32 -0.76 -14.57
CA GLU C 195 -3.60 -0.08 -14.63
C GLU C 195 -3.82 0.55 -16.02
N VAL C 196 -2.74 1.06 -16.59
CA VAL C 196 -2.74 1.64 -17.95
C VAL C 196 -2.90 0.55 -19.02
N VAL C 197 -2.12 -0.50 -18.90
CA VAL C 197 -2.16 -1.58 -19.89
C VAL C 197 -3.57 -2.16 -20.00
N LEU C 198 -4.19 -2.40 -18.84
CA LEU C 198 -5.57 -2.92 -18.77
C LEU C 198 -6.61 -2.07 -19.51
N ALA C 199 -6.43 -0.76 -19.49
CA ALA C 199 -7.30 0.14 -20.26
C ALA C 199 -6.89 0.26 -21.75
N ASN C 200 -6.04 -0.67 -22.24
CA ASN C 200 -5.62 -0.68 -23.66
C ASN C 200 -4.90 0.59 -24.05
N LEU C 201 -4.01 1.08 -23.18
CA LEU C 201 -3.31 2.36 -23.41
C LEU C 201 -1.83 2.24 -23.20
N ARG C 202 -1.08 3.12 -23.88
CA ARG C 202 0.36 3.28 -23.67
C ARG C 202 0.62 4.77 -23.55
N VAL C 203 1.44 5.14 -22.57
CA VAL C 203 1.71 6.56 -22.31
C VAL C 203 3.22 6.79 -22.19
N PRO C 204 3.87 7.07 -23.31
CA PRO C 204 5.31 7.27 -23.27
C PRO C 204 5.70 8.64 -22.70
N SER C 205 6.88 8.69 -22.07
CA SER C 205 7.48 9.92 -21.56
C SER C 205 8.97 9.65 -21.40
N LYS C 206 9.74 10.64 -20.97
CA LYS C 206 11.20 10.47 -20.96
C LYS C 206 11.67 9.40 -19.97
N SER C 207 10.96 9.27 -18.87
CA SER C 207 11.39 8.40 -17.78
C SER C 207 10.89 6.96 -17.88
N ASN C 208 9.89 6.69 -18.73
CA ASN C 208 9.40 5.31 -18.88
C ASN C 208 9.78 4.73 -20.22
N THR C 209 10.90 5.20 -20.76
CA THR C 209 11.50 4.63 -21.97
C THR C 209 13.01 4.64 -21.82
N ALA C 210 13.65 3.55 -22.22
CA ALA C 210 15.09 3.40 -22.09
C ALA C 210 15.62 2.60 -23.27
N LYS C 211 16.95 2.57 -23.41
CA LYS C 211 17.62 1.91 -24.52
C LYS C 211 18.43 0.72 -24.05
N VAL C 212 18.41 -0.37 -24.84
CA VAL C 212 19.23 -1.55 -24.53
C VAL C 212 20.20 -1.86 -25.68
N TYR C 213 21.50 -1.73 -25.40
CA TYR C 213 22.56 -2.02 -26.36
C TYR C 213 23.01 -3.47 -26.21
N ILE C 214 22.60 -4.29 -27.16
CA ILE C 214 22.97 -5.70 -27.22
C ILE C 214 24.12 -5.88 -28.19
N GLU C 215 25.11 -6.67 -27.79
CA GLU C 215 26.29 -6.95 -28.62
C GLU C 215 26.35 -8.43 -28.93
N ILE C 216 26.51 -8.77 -30.20
CA ILE C 216 26.56 -10.16 -30.62
C ILE C 216 28.01 -10.68 -30.53
N GLN C 217 28.19 -11.87 -29.98
CA GLN C 217 29.50 -12.47 -29.83
C GLN C 217 29.71 -13.53 -30.92
N ASP C 218 30.76 -13.35 -31.71
CA ASP C 218 31.06 -14.22 -32.84
C ASP C 218 31.60 -15.55 -32.36
N GLU C 219 31.10 -16.62 -32.96
CA GLU C 219 31.58 -17.95 -32.69
C GLU C 219 32.10 -18.53 -34.01
N ASN C 220 32.78 -19.67 -33.91
CA ASN C 220 33.32 -20.35 -35.08
C ASN C 220 32.26 -21.16 -35.80
N ASP C 221 31.54 -20.50 -36.68
CA ASP C 221 30.58 -21.17 -37.56
C ASP C 221 30.76 -20.76 -39.02
N HIS C 222 31.75 -19.90 -39.33
CA HIS C 222 31.76 -19.26 -40.63
C HIS C 222 33.08 -18.62 -40.98
N MET D 1 11.73 61.96 -9.18
CA MET D 1 10.53 61.65 -10.02
C MET D 1 9.89 60.32 -9.63
N ASN D 2 10.71 59.29 -9.42
CA ASN D 2 10.25 57.98 -8.95
C ASN D 2 10.85 57.70 -7.57
N ASP D 3 10.05 57.89 -6.52
CA ASP D 3 10.55 57.79 -5.13
C ASP D 3 9.75 56.81 -4.20
N TYR D 4 8.88 55.96 -4.77
CA TYR D 4 8.16 54.93 -3.99
C TYR D 4 8.33 53.57 -4.65
N PRO D 5 8.71 52.53 -3.86
CA PRO D 5 8.81 51.20 -4.46
C PRO D 5 7.45 50.50 -4.50
N PRO D 6 7.36 49.35 -5.21
CA PRO D 6 6.19 48.49 -5.08
C PRO D 6 6.11 47.92 -3.65
N VAL D 7 4.89 47.78 -3.14
CA VAL D 7 4.66 47.30 -1.78
C VAL D 7 3.68 46.14 -1.81
N PHE D 8 4.19 44.91 -1.58
CA PHE D 8 3.36 43.70 -1.65
C PHE D 8 2.19 43.76 -0.68
N SER D 9 1.05 43.23 -1.10
CA SER D 9 -0.14 43.15 -0.27
C SER D 9 0.16 42.34 1.01
N LYS D 10 0.95 41.27 0.86
CA LYS D 10 1.36 40.44 1.99
C LYS D 10 2.88 40.27 2.05
N ARG D 11 3.39 40.07 3.27
CA ARG D 11 4.83 39.86 3.50
C ARG D 11 5.15 38.39 3.18
N ILE D 12 4.22 37.48 3.53
CA ILE D 12 4.37 36.05 3.24
C ILE D 12 3.07 35.42 2.69
N TYR D 13 3.13 34.92 1.47
CA TYR D 13 1.99 34.23 0.84
C TYR D 13 2.12 32.74 1.07
N LYS D 14 0.99 32.03 1.08
CA LYS D 14 0.99 30.56 1.10
C LYS D 14 0.43 30.03 -0.23
N GLY D 15 0.58 28.73 -0.46
CA GLY D 15 0.10 28.10 -1.69
C GLY D 15 0.41 26.62 -1.73
N MET D 16 -0.40 25.87 -2.47
CA MET D 16 -0.21 24.42 -2.60
C MET D 16 0.11 24.02 -4.03
N VAL D 17 0.75 22.86 -4.18
CA VAL D 17 1.05 22.31 -5.50
C VAL D 17 1.18 20.79 -5.40
N ALA D 18 0.62 20.06 -6.37
CA ALA D 18 0.77 18.61 -6.42
C ALA D 18 2.26 18.27 -6.57
N PRO D 19 2.68 17.11 -6.02
CA PRO D 19 4.08 16.70 -6.13
C PRO D 19 4.51 16.25 -7.55
N ASP D 20 3.55 15.96 -8.43
CA ASP D 20 3.84 15.58 -9.82
C ASP D 20 3.30 16.61 -10.83
N ALA D 21 3.02 17.82 -10.34
CA ALA D 21 2.34 18.86 -11.13
C ALA D 21 3.01 19.13 -12.45
N VAL D 22 2.18 19.26 -13.50
CA VAL D 22 2.68 19.57 -14.85
C VAL D 22 3.26 20.98 -14.89
N LYS D 23 3.86 21.34 -16.01
CA LYS D 23 4.42 22.67 -16.21
C LYS D 23 3.29 23.68 -16.37
N GLY D 24 3.42 24.81 -15.69
CA GLY D 24 2.44 25.87 -15.76
C GLY D 24 1.19 25.59 -14.96
N THR D 25 1.29 24.80 -13.89
CA THR D 25 0.18 24.58 -12.97
C THR D 25 0.11 25.80 -12.03
N PRO D 26 -1.07 26.44 -11.91
CA PRO D 26 -1.21 27.65 -11.08
C PRO D 26 -1.18 27.34 -9.59
N ILE D 27 -0.38 28.08 -8.84
CA ILE D 27 -0.22 27.84 -7.40
C ILE D 27 -0.92 28.94 -6.60
N THR D 28 -0.54 30.18 -6.85
CA THR D 28 -1.18 31.34 -6.23
C THR D 28 -0.86 32.65 -6.97
N THR D 29 -1.63 33.69 -6.70
CA THR D 29 -1.35 35.02 -7.23
C THR D 29 -0.77 35.88 -6.11
N VAL D 30 0.32 36.59 -6.41
CA VAL D 30 0.83 37.60 -5.48
C VAL D 30 0.37 38.96 -6.00
N TYR D 31 0.66 40.01 -5.23
CA TYR D 31 0.16 41.35 -5.59
C TYR D 31 0.95 42.44 -4.88
N ALA D 32 1.19 43.55 -5.58
CA ALA D 32 1.88 44.71 -5.03
C ALA D 32 1.45 45.98 -5.75
N GLU D 33 1.37 47.10 -5.03
CA GLU D 33 1.01 48.40 -5.62
C GLU D 33 2.11 49.44 -5.39
N ASP D 34 2.07 50.51 -6.19
CA ASP D 34 3.12 51.53 -6.20
C ASP D 34 2.54 52.92 -5.96
N ALA D 35 3.08 53.62 -4.96
CA ALA D 35 2.50 54.89 -4.49
C ALA D 35 2.77 56.12 -5.38
N ASP D 36 3.58 55.97 -6.43
CA ASP D 36 3.82 57.07 -7.38
C ASP D 36 2.57 57.34 -8.24
N PRO D 37 2.43 58.58 -8.76
CA PRO D 37 1.32 58.97 -9.63
C PRO D 37 0.93 57.88 -10.67
N PRO D 38 -0.37 57.53 -10.74
CA PRO D 38 -0.84 56.37 -11.54
C PRO D 38 -0.76 56.60 -13.06
N GLY D 39 -0.80 55.49 -13.81
CA GLY D 39 -0.75 55.53 -15.28
C GLY D 39 0.64 55.63 -15.90
N MET D 40 1.66 55.86 -15.06
CA MET D 40 3.03 56.12 -15.53
C MET D 40 3.97 54.94 -15.25
N PRO D 41 5.19 54.95 -15.87
CA PRO D 41 6.20 53.91 -15.57
C PRO D 41 6.56 53.78 -14.08
N ALA D 42 6.87 54.91 -13.43
CA ALA D 42 7.22 54.93 -11.99
C ALA D 42 6.33 54.06 -11.11
N SER D 43 5.05 53.93 -11.47
CA SER D 43 4.10 53.09 -10.75
C SER D 43 3.55 51.96 -11.64
N ARG D 44 4.42 51.37 -12.46
CA ARG D 44 4.06 50.27 -13.37
C ARG D 44 4.81 49.00 -12.94
N VAL D 45 4.14 48.17 -12.13
CA VAL D 45 4.80 47.08 -11.41
C VAL D 45 4.82 45.74 -12.16
N ARG D 46 6.03 45.29 -12.49
CA ARG D 46 6.26 43.95 -13.07
C ARG D 46 6.73 43.01 -11.97
N TYR D 47 6.49 41.71 -12.14
CA TYR D 47 6.89 40.69 -11.15
C TYR D 47 7.95 39.72 -11.70
N ARG D 48 8.84 39.29 -10.81
CA ARG D 48 9.96 38.40 -11.16
C ARG D 48 10.33 37.53 -9.96
N VAL D 49 10.99 36.38 -10.23
CA VAL D 49 11.49 35.48 -9.16
C VAL D 49 12.92 35.85 -8.78
N ASP D 50 13.43 35.25 -7.71
CA ASP D 50 14.82 35.52 -7.31
C ASP D 50 15.50 34.27 -6.75
N ASP D 51 16.82 34.21 -6.95
CA ASP D 51 17.61 33.03 -6.67
C ASP D 51 18.90 33.33 -5.88
N VAL D 52 18.84 34.34 -5.02
CA VAL D 52 19.97 34.63 -4.16
C VAL D 52 20.03 33.58 -3.07
N GLN D 53 19.03 33.58 -2.18
CA GLN D 53 19.02 32.69 -1.02
C GLN D 53 18.37 31.35 -1.31
N PHE D 54 17.39 31.34 -2.22
CA PHE D 54 16.65 30.12 -2.54
C PHE D 54 16.63 29.91 -4.04
N PRO D 55 17.73 29.35 -4.60
CA PRO D 55 17.83 29.15 -6.03
C PRO D 55 17.04 27.95 -6.54
N TYR D 56 16.85 26.93 -5.70
CA TYR D 56 16.15 25.73 -6.16
C TYR D 56 14.65 25.98 -6.37
N PRO D 57 13.97 26.61 -5.38
CA PRO D 57 12.58 26.98 -5.65
C PRO D 57 12.46 27.77 -6.96
N ALA D 58 13.40 28.67 -7.20
CA ALA D 58 13.44 29.45 -8.43
C ALA D 58 13.64 28.58 -9.67
N SER D 59 14.35 27.47 -9.51
CA SER D 59 14.58 26.54 -10.62
C SER D 59 13.28 25.81 -11.06
N ILE D 60 12.30 25.68 -10.14
CA ILE D 60 11.07 24.93 -10.43
C ILE D 60 9.79 25.76 -10.44
N PHE D 61 9.85 26.98 -9.91
CA PHE D 61 8.69 27.88 -9.93
C PHE D 61 9.04 29.17 -10.65
N ASP D 62 8.02 29.82 -11.19
CA ASP D 62 8.17 31.10 -11.86
C ASP D 62 6.90 31.91 -11.67
N VAL D 63 7.05 33.24 -11.56
CA VAL D 63 5.92 34.15 -11.46
C VAL D 63 5.71 34.84 -12.81
N GLU D 64 4.46 35.01 -13.22
CA GLU D 64 4.16 35.74 -14.45
C GLU D 64 4.42 37.24 -14.27
N GLU D 65 4.93 37.89 -15.30
CA GLU D 65 5.43 39.26 -15.19
C GLU D 65 4.32 40.26 -14.88
N ASP D 66 3.20 40.14 -15.57
CA ASP D 66 2.12 41.14 -15.51
C ASP D 66 0.92 40.76 -14.64
N SER D 67 0.60 39.47 -14.56
CA SER D 67 -0.55 39.02 -13.77
C SER D 67 -0.16 38.74 -12.31
N GLY D 68 1.06 38.27 -12.09
CA GLY D 68 1.53 37.94 -10.74
C GLY D 68 1.23 36.51 -10.27
N ARG D 69 0.67 35.69 -11.16
CA ARG D 69 0.38 34.29 -10.82
C ARG D 69 1.67 33.47 -10.72
N VAL D 70 1.82 32.75 -9.61
CA VAL D 70 2.95 31.86 -9.40
C VAL D 70 2.58 30.49 -9.94
N VAL D 71 3.50 29.91 -10.71
CA VAL D 71 3.25 28.66 -11.43
C VAL D 71 4.49 27.76 -11.46
N THR D 72 4.30 26.53 -11.91
CA THR D 72 5.41 25.62 -12.11
C THR D 72 6.16 25.97 -13.38
N ARG D 73 7.47 26.17 -13.23
CA ARG D 73 8.35 26.40 -14.37
C ARG D 73 8.56 25.10 -15.14
N VAL D 74 8.46 23.96 -14.43
CA VAL D 74 8.74 22.64 -14.97
C VAL D 74 7.72 21.62 -14.50
N ASN D 75 7.62 20.51 -15.20
CA ASN D 75 6.87 19.37 -14.69
C ASN D 75 7.59 18.92 -13.42
N LEU D 76 6.89 18.92 -12.31
CA LEU D 76 7.48 18.62 -11.01
C LEU D 76 7.62 17.14 -10.73
N ASN D 77 8.59 16.82 -9.88
CA ASN D 77 8.71 15.51 -9.26
C ASN D 77 9.36 15.69 -7.87
N GLU D 78 8.62 16.35 -6.96
CA GLU D 78 9.10 16.62 -5.62
C GLU D 78 8.31 15.74 -4.65
N GLU D 79 8.80 15.63 -3.42
CA GLU D 79 8.19 14.76 -2.40
C GLU D 79 7.13 15.50 -1.57
N PRO D 80 6.00 14.83 -1.23
CA PRO D 80 4.96 15.43 -0.38
C PRO D 80 5.46 15.98 0.97
N THR D 81 4.64 16.85 1.57
CA THR D 81 4.93 17.52 2.87
C THR D 81 6.09 18.56 2.82
N THR D 82 6.79 18.66 1.70
CA THR D 82 7.92 19.61 1.58
C THR D 82 7.40 21.04 1.50
N ILE D 83 8.17 21.99 2.05
CA ILE D 83 7.82 23.40 1.95
C ILE D 83 8.97 24.19 1.35
N PHE D 84 8.70 24.90 0.25
CA PHE D 84 9.70 25.72 -0.41
C PHE D 84 9.48 27.21 -0.11
N LYS D 85 10.58 27.96 -0.03
CA LYS D 85 10.52 29.40 0.09
C LYS D 85 10.90 30.05 -1.24
N LEU D 86 9.88 30.37 -2.05
CA LEU D 86 10.10 31.08 -3.31
C LEU D 86 10.11 32.57 -3.04
N VAL D 87 11.09 33.27 -3.61
CA VAL D 87 11.29 34.70 -3.38
C VAL D 87 10.87 35.50 -4.62
N VAL D 88 9.82 36.32 -4.47
CA VAL D 88 9.32 37.12 -5.58
C VAL D 88 9.64 38.60 -5.40
N VAL D 89 10.10 39.22 -6.49
CA VAL D 89 10.44 40.63 -6.49
C VAL D 89 9.52 41.34 -7.47
N ALA D 90 8.84 42.38 -6.97
CA ALA D 90 8.03 43.26 -7.79
C ALA D 90 8.82 44.54 -8.00
N PHE D 91 8.95 44.96 -9.26
CA PHE D 91 9.74 46.15 -9.60
C PHE D 91 8.99 47.05 -10.58
N ASP D 92 9.20 48.37 -10.47
CA ASP D 92 8.53 49.35 -11.35
C ASP D 92 9.34 49.62 -12.63
N ASP D 93 8.82 50.49 -13.50
CA ASP D 93 9.52 50.92 -14.73
C ASP D 93 10.05 52.35 -14.55
N GLY D 94 10.36 52.72 -13.31
CA GLY D 94 10.73 54.08 -13.01
C GLY D 94 12.19 54.36 -13.26
N GLU D 95 12.62 55.53 -12.81
CA GLU D 95 13.99 55.98 -12.97
C GLU D 95 14.38 56.83 -11.75
N PRO D 96 15.18 56.27 -10.83
CA PRO D 96 15.72 54.90 -10.91
C PRO D 96 14.64 53.82 -10.65
N VAL D 97 14.86 52.61 -11.17
CA VAL D 97 13.93 51.51 -10.97
C VAL D 97 13.98 51.01 -9.51
N MET D 98 12.84 51.08 -8.81
CA MET D 98 12.73 50.60 -7.43
C MET D 98 12.04 49.23 -7.39
N SER D 99 12.13 48.56 -6.23
CA SER D 99 11.50 47.25 -6.04
C SER D 99 11.35 46.88 -4.55
N SER D 100 10.72 45.73 -4.31
CA SER D 100 10.65 45.12 -2.97
C SER D 100 10.40 43.65 -3.19
N SER D 101 10.75 42.82 -2.21
CA SER D 101 10.56 41.36 -2.34
C SER D 101 9.52 40.82 -1.36
N ALA D 102 9.16 39.56 -1.55
CA ALA D 102 8.26 38.84 -0.65
C ALA D 102 8.41 37.34 -0.86
N THR D 103 7.89 36.57 0.10
CA THR D 103 8.06 35.11 0.09
C THR D 103 6.75 34.39 -0.14
N VAL D 104 6.81 33.34 -0.96
CA VAL D 104 5.67 32.46 -1.17
C VAL D 104 6.02 31.08 -0.66
N ARG D 105 5.45 30.72 0.49
CA ARG D 105 5.69 29.41 1.08
C ARG D 105 4.78 28.43 0.40
N ILE D 106 5.36 27.49 -0.34
CA ILE D 106 4.57 26.54 -1.12
C ILE D 106 4.66 25.15 -0.51
N LEU D 107 3.50 24.52 -0.37
CA LEU D 107 3.39 23.17 0.18
C LEU D 107 3.20 22.15 -0.95
N VAL D 108 4.06 21.14 -0.97
CA VAL D 108 3.99 20.06 -1.95
C VAL D 108 3.03 19.01 -1.41
N LEU D 109 1.85 18.90 -2.03
CA LEU D 109 0.83 17.98 -1.55
C LEU D 109 -0.22 17.68 -2.61
N HIS D 110 -0.75 16.46 -2.60
CA HIS D 110 -1.84 16.08 -3.49
C HIS D 110 -3.17 16.56 -2.93
N PRO D 111 -4.01 17.15 -3.78
CA PRO D 111 -5.38 17.48 -3.39
C PRO D 111 -6.23 16.26 -3.05
N GLY D 112 -6.13 15.20 -3.86
CA GLY D 112 -6.92 13.98 -3.65
C GLY D 112 -6.62 13.22 -2.36
N GLU D 113 -5.45 13.50 -1.74
CA GLU D 113 -5.05 12.87 -0.48
C GLU D 113 -5.53 13.65 0.76
N ILE D 114 -6.16 14.81 0.54
CA ILE D 114 -6.85 15.53 1.62
C ILE D 114 -8.16 14.81 1.91
N PRO D 115 -8.49 14.62 3.21
CA PRO D 115 -9.71 13.86 3.53
C PRO D 115 -11.04 14.50 3.07
N ARG D 116 -12.09 13.69 3.07
CA ARG D 116 -13.44 14.12 2.73
C ARG D 116 -14.40 13.51 3.72
N PHE D 117 -15.20 14.34 4.39
CA PHE D 117 -16.17 13.83 5.38
C PHE D 117 -17.34 13.12 4.73
N THR D 118 -18.05 12.33 5.51
CA THR D 118 -19.24 11.64 5.02
C THR D 118 -20.44 12.60 4.94
N GLN D 119 -20.40 13.70 5.71
CA GLN D 119 -21.47 14.72 5.71
C GLN D 119 -20.88 16.09 6.01
N GLU D 120 -21.53 17.17 5.54
CA GLU D 120 -21.05 18.52 5.90
C GLU D 120 -21.66 19.01 7.22
N GLU D 121 -22.87 18.54 7.54
CA GLU D 121 -23.47 18.74 8.89
C GLU D 121 -23.75 17.38 9.53
N TYR D 122 -23.37 17.25 10.80
CA TYR D 122 -23.74 16.07 11.59
C TYR D 122 -24.68 16.56 12.68
N ARG D 123 -25.90 16.02 12.70
CA ARG D 123 -26.89 16.43 13.71
C ARG D 123 -27.24 15.25 14.61
N PRO D 124 -26.39 14.97 15.62
CA PRO D 124 -26.68 13.86 16.51
C PRO D 124 -27.85 14.16 17.48
N PRO D 125 -28.45 13.11 18.07
CA PRO D 125 -29.50 13.30 19.05
C PRO D 125 -29.08 14.20 20.23
N PRO D 126 -30.05 14.88 20.86
CA PRO D 126 -29.81 15.88 21.89
C PRO D 126 -29.28 15.30 23.18
N VAL D 127 -28.17 15.84 23.66
CA VAL D 127 -27.50 15.31 24.86
C VAL D 127 -28.06 15.97 26.16
N SER D 128 -28.54 15.14 27.10
CA SER D 128 -28.96 15.61 28.44
C SER D 128 -27.92 16.55 29.05
N GLU D 129 -28.38 17.60 29.72
CA GLU D 129 -27.46 18.48 30.45
C GLU D 129 -26.76 17.71 31.59
N LEU D 130 -27.43 16.73 32.18
CA LEU D 130 -26.86 15.97 33.32
C LEU D 130 -26.00 14.78 32.90
N ALA D 131 -25.75 14.63 31.59
CA ALA D 131 -24.93 13.51 31.08
C ALA D 131 -23.53 13.54 31.70
N ALA D 132 -23.03 12.36 32.06
CA ALA D 132 -21.73 12.26 32.72
C ALA D 132 -20.60 12.44 31.74
N ARG D 133 -19.41 12.71 32.25
CA ARG D 133 -18.22 12.82 31.41
C ARG D 133 -18.02 11.50 30.66
N GLY D 134 -17.61 11.58 29.40
CA GLY D 134 -17.37 10.40 28.56
C GLY D 134 -18.61 9.88 27.83
N THR D 135 -19.78 10.46 28.12
CA THR D 135 -21.00 10.11 27.40
C THR D 135 -20.84 10.41 25.92
N VAL D 136 -21.03 9.41 25.08
CA VAL D 136 -20.88 9.62 23.62
C VAL D 136 -21.96 10.57 23.13
N VAL D 137 -21.58 11.49 22.25
CA VAL D 137 -22.46 12.56 21.76
C VAL D 137 -22.85 12.30 20.32
N GLY D 138 -21.83 12.05 19.51
CA GLY D 138 -21.98 11.64 18.12
C GLY D 138 -20.67 11.08 17.62
N VAL D 139 -20.59 10.86 16.31
CA VAL D 139 -19.36 10.38 15.68
C VAL D 139 -19.23 10.91 14.24
N ILE D 140 -17.99 11.24 13.85
CA ILE D 140 -17.72 11.77 12.51
C ILE D 140 -16.78 10.87 11.70
N SER D 141 -16.97 10.85 10.39
CA SER D 141 -16.34 9.86 9.52
C SER D 141 -15.78 10.48 8.23
N ALA D 142 -14.55 10.09 7.90
CA ALA D 142 -13.85 10.67 6.74
C ALA D 142 -12.78 9.73 6.16
N ALA D 143 -12.80 9.58 4.82
CA ALA D 143 -11.84 8.74 4.09
C ALA D 143 -10.82 9.58 3.32
N ALA D 144 -9.74 8.93 2.89
CA ALA D 144 -8.68 9.57 2.10
C ALA D 144 -7.75 8.51 1.56
N ILE D 145 -7.35 8.66 0.30
CA ILE D 145 -6.64 7.59 -0.42
C ILE D 145 -5.21 7.42 0.15
N ASN D 146 -4.81 6.14 0.34
CA ASN D 146 -3.57 5.74 1.06
C ASN D 146 -3.35 6.56 2.36
N GLN D 147 -4.42 6.82 3.12
CA GLN D 147 -4.30 7.71 4.28
C GLN D 147 -5.19 7.33 5.46
N SER D 148 -4.57 7.27 6.66
CA SER D 148 -5.30 7.16 7.90
C SER D 148 -5.60 8.56 8.37
N ILE D 149 -6.72 8.71 9.07
CA ILE D 149 -7.27 10.01 9.35
C ILE D 149 -7.22 10.35 10.81
N VAL D 150 -6.64 11.52 11.09
CA VAL D 150 -6.68 12.14 12.40
C VAL D 150 -7.80 13.15 12.44
N TYR D 151 -8.67 13.06 13.43
CA TYR D 151 -9.76 14.03 13.59
C TYR D 151 -9.45 15.07 14.68
N SER D 152 -10.00 16.27 14.51
CA SER D 152 -9.83 17.32 15.53
C SER D 152 -11.02 18.30 15.54
N ILE D 153 -11.37 18.79 16.73
CA ILE D 153 -12.35 19.88 16.84
C ILE D 153 -11.56 21.17 16.82
N VAL D 154 -11.82 22.03 15.83
CA VAL D 154 -10.99 23.23 15.59
C VAL D 154 -11.64 24.55 15.99
N ALA D 155 -12.96 24.55 16.20
CA ALA D 155 -13.66 25.77 16.61
C ALA D 155 -15.02 25.46 17.20
N GLY D 156 -15.51 26.40 18.01
CA GLY D 156 -16.84 26.29 18.59
C GLY D 156 -16.93 25.55 19.91
N ASN D 157 -15.80 25.02 20.39
CA ASN D 157 -15.76 24.32 21.67
C ASN D 157 -14.86 25.08 22.64
N GLU D 158 -15.06 26.41 22.71
CA GLU D 158 -14.20 27.26 23.56
C GLU D 158 -14.37 26.97 25.05
N GLU D 159 -15.51 26.37 25.41
CA GLU D 159 -15.83 26.03 26.78
C GLU D 159 -15.21 24.71 27.27
N ASP D 160 -14.55 23.97 26.37
CA ASP D 160 -14.04 22.60 26.65
C ASP D 160 -15.13 21.67 27.17
N LYS D 161 -16.34 21.86 26.66
CA LYS D 161 -17.48 21.03 27.03
C LYS D 161 -17.43 19.71 26.30
N PHE D 162 -16.66 19.67 25.20
CA PHE D 162 -16.53 18.46 24.42
C PHE D 162 -15.10 18.09 24.10
N GLY D 163 -14.92 16.81 23.81
CA GLY D 163 -13.64 16.26 23.40
C GLY D 163 -13.93 15.32 22.26
N ILE D 164 -12.90 14.91 21.57
CA ILE D 164 -13.05 13.98 20.47
C ILE D 164 -11.93 12.99 20.50
N ASN D 165 -12.26 11.73 20.27
CA ASN D 165 -11.25 10.72 20.10
C ASN D 165 -10.57 10.95 18.73
N ASN D 166 -9.32 11.42 18.74
CA ASN D 166 -8.69 11.90 17.51
C ASN D 166 -8.45 10.82 16.43
N VAL D 167 -8.77 9.55 16.72
CA VAL D 167 -8.59 8.48 15.75
C VAL D 167 -9.91 7.80 15.34
N THR D 168 -10.83 7.60 16.29
CA THR D 168 -12.15 7.03 15.98
C THR D 168 -13.13 8.11 15.54
N GLY D 169 -12.76 9.37 15.72
CA GLY D 169 -13.66 10.48 15.38
C GLY D 169 -14.94 10.50 16.23
N VAL D 170 -14.88 9.94 17.44
CA VAL D 170 -16.04 9.91 18.35
C VAL D 170 -16.03 11.12 19.25
N ILE D 171 -17.03 11.98 19.11
CA ILE D 171 -17.13 13.16 19.95
C ILE D 171 -17.82 12.78 21.25
N TYR D 172 -17.27 13.27 22.37
CA TYR D 172 -17.77 12.94 23.71
C TYR D 172 -17.88 14.17 24.62
N VAL D 173 -18.56 13.99 25.75
CA VAL D 173 -18.74 15.05 26.75
C VAL D 173 -17.50 15.15 27.60
N ASN D 174 -16.92 16.35 27.71
CA ASN D 174 -15.69 16.52 28.47
C ASN D 174 -15.95 17.16 29.82
N SER D 175 -16.66 18.28 29.82
CA SER D 175 -17.06 18.96 31.05
C SER D 175 -18.57 18.83 31.24
N PRO D 176 -19.08 19.20 32.44
CA PRO D 176 -20.50 19.01 32.68
C PRO D 176 -21.32 20.10 32.01
N LEU D 177 -22.45 19.71 31.45
CA LEU D 177 -23.26 20.61 30.64
C LEU D 177 -24.40 21.23 31.44
N ASP D 178 -24.63 22.51 31.22
CA ASP D 178 -25.76 23.18 31.86
C ASP D 178 -26.63 23.78 30.76
N TYR D 179 -27.85 23.29 30.67
CA TYR D 179 -28.82 23.78 29.70
C TYR D 179 -29.09 25.28 29.87
N GLU D 180 -29.15 25.73 31.12
CA GLU D 180 -29.47 27.12 31.44
C GLU D 180 -28.35 28.08 31.05
N THR D 181 -27.11 27.59 31.03
CA THR D 181 -25.97 28.37 30.56
C THR D 181 -25.97 28.43 29.03
N ARG D 182 -26.20 27.28 28.39
CA ARG D 182 -26.12 27.20 26.95
C ARG D 182 -26.83 25.97 26.38
N THR D 183 -27.75 26.19 25.44
CA THR D 183 -28.66 25.15 24.94
C THR D 183 -28.18 24.46 23.67
N SER D 184 -27.15 25.00 23.02
CA SER D 184 -26.64 24.36 21.81
C SER D 184 -25.30 24.91 21.36
N TYR D 185 -24.60 24.06 20.60
CA TYR D 185 -23.25 24.32 20.15
C TYR D 185 -23.16 23.96 18.69
N VAL D 186 -22.18 24.56 18.01
CA VAL D 186 -21.83 24.11 16.66
C VAL D 186 -20.33 24.02 16.58
N LEU D 187 -19.85 22.80 16.41
CA LEU D 187 -18.45 22.53 16.37
C LEU D 187 -17.96 22.55 14.94
N ARG D 188 -16.76 23.08 14.77
CA ARG D 188 -16.07 22.95 13.52
C ARG D 188 -15.11 21.82 13.71
N VAL D 189 -15.16 20.85 12.81
CA VAL D 189 -14.29 19.68 12.91
C VAL D 189 -13.45 19.57 11.69
N GLN D 190 -12.37 18.83 11.82
CA GLN D 190 -11.39 18.75 10.78
C GLN D 190 -10.71 17.39 10.78
N ALA D 191 -10.77 16.74 9.62
CA ALA D 191 -10.01 15.54 9.35
C ALA D 191 -8.76 15.95 8.59
N ASP D 192 -7.61 15.57 9.12
CA ASP D 192 -6.35 15.75 8.43
C ASP D 192 -5.72 14.39 8.25
N SER D 193 -4.99 14.22 7.15
CA SER D 193 -4.28 12.97 6.91
C SER D 193 -3.14 12.86 7.91
N LEU D 194 -2.80 11.64 8.23
CA LEU D 194 -1.80 11.36 9.23
C LEU D 194 -0.44 11.83 8.73
N GLU D 195 -0.18 11.60 7.44
CA GLU D 195 1.06 12.05 6.82
C GLU D 195 1.25 13.56 7.00
N VAL D 196 0.14 14.29 6.93
CA VAL D 196 0.14 15.74 7.17
C VAL D 196 0.37 16.09 8.64
N VAL D 197 -0.35 15.40 9.53
CA VAL D 197 -0.23 15.67 10.96
C VAL D 197 1.22 15.49 11.40
N LEU D 198 1.84 14.39 10.96
CA LEU D 198 3.25 14.08 11.28
C LEU D 198 4.24 15.19 10.90
N ALA D 199 3.99 15.87 9.78
CA ALA D 199 4.83 17.00 9.38
C ALA D 199 4.43 18.33 10.11
N ASN D 200 3.64 18.24 11.19
CA ASN D 200 3.25 19.41 12.00
C ASN D 200 2.47 20.41 11.16
N LEU D 201 1.54 19.93 10.34
CA LEU D 201 0.77 20.79 9.43
C LEU D 201 -0.72 20.50 9.50
N ARG D 202 -1.53 21.51 9.18
CA ARG D 202 -2.98 21.34 9.00
C ARG D 202 -3.35 22.00 7.69
N VAL D 203 -4.20 21.36 6.90
CA VAL D 203 -4.54 21.84 5.57
C VAL D 203 -6.04 21.83 5.37
N PRO D 204 -6.72 22.93 5.74
CA PRO D 204 -8.17 22.95 5.60
C PRO D 204 -8.61 23.19 4.15
N SER D 205 -9.78 22.65 3.80
CA SER D 205 -10.41 22.86 2.51
C SER D 205 -11.89 22.55 2.71
N LYS D 206 -12.70 22.69 1.66
CA LYS D 206 -14.16 22.57 1.83
C LYS D 206 -14.59 21.16 2.27
N SER D 207 -13.88 20.15 1.80
CA SER D 207 -14.28 18.78 1.98
C SER D 207 -13.72 18.12 3.23
N ASN D 208 -12.71 18.71 3.86
CA ASN D 208 -12.16 18.11 5.11
C ASN D 208 -12.50 18.96 6.32
N THR D 209 -13.63 19.65 6.25
CA THR D 209 -14.18 20.38 7.37
C THR D 209 -15.69 20.24 7.34
N ALA D 210 -16.28 19.99 8.51
CA ALA D 210 -17.69 19.83 8.62
C ALA D 210 -18.18 20.44 9.92
N LYS D 211 -19.50 20.53 10.08
CA LYS D 211 -20.14 21.13 11.25
C LYS D 211 -20.89 20.09 12.05
N VAL D 212 -20.82 20.21 13.38
CA VAL D 212 -21.63 19.35 14.27
C VAL D 212 -22.57 20.19 15.15
N TYR D 213 -23.87 20.03 14.93
CA TYR D 213 -24.90 20.69 15.73
C TYR D 213 -25.31 19.80 16.91
N ILE D 214 -24.86 20.21 18.09
CA ILE D 214 -25.21 19.55 19.34
C ILE D 214 -26.32 20.33 20.02
N GLU D 215 -27.32 19.61 20.53
CA GLU D 215 -28.44 20.24 21.25
C GLU D 215 -28.45 19.74 22.68
N ILE D 216 -28.54 20.67 23.62
CA ILE D 216 -28.58 20.31 25.04
C ILE D 216 -30.02 20.04 25.47
N GLN D 217 -30.23 18.97 26.22
CA GLN D 217 -31.54 18.59 26.72
C GLN D 217 -31.70 19.01 28.19
N ASP D 218 -32.70 19.83 28.46
CA ASP D 218 -32.93 20.36 29.80
C ASP D 218 -33.49 19.30 30.72
N GLU D 219 -32.96 19.24 31.92
CA GLU D 219 -33.46 18.37 32.97
C GLU D 219 -33.80 19.29 34.17
N ASN D 220 -34.46 18.76 35.20
CA ASN D 220 -34.93 19.60 36.28
C ASN D 220 -33.86 19.90 37.32
N ASP D 221 -33.14 20.99 37.09
CA ASP D 221 -32.22 21.52 38.08
C ASP D 221 -32.38 23.02 38.33
N HIS D 222 -33.42 23.63 37.77
CA HIS D 222 -33.62 25.09 37.93
C HIS D 222 -35.08 25.45 37.72
#